data_3T8A
#
_entry.id   3T8A
#
_cell.length_a   87.133
_cell.length_b   87.133
_cell.length_c   414.840
_cell.angle_alpha   90.000
_cell.angle_beta   90.000
_cell.angle_gamma   120.000
#
_symmetry.space_group_name_H-M   'P 61 2 2'
#
loop_
_entity.id
_entity.type
_entity.pdbx_description
1 polymer '1,4-Dihydroxy-2-naphthoyl-CoA synthase'
2 non-polymer 'o-succinylbenzoyl-N-coenzyme A'
3 water water
#
_entity_poly.entity_id   1
_entity_poly.type   'polypeptide(L)'
_entity_poly.pdbx_seq_one_letter_code
;MGSSHHHHHHSSGLVPRGSHMVAPAGEQGRSSTALSDNPFDAKAWRLVDGFDDLTDITYHRHVDDATVRVAFNRPEVRNA
FRPHTVDELYRVLDHARMSPDVGVVLLTGNGPSPKDGGWAFCSGGDQRIRGRSGYQYASGDTADTVDVARAGRLHILEVQ
RLIRFMPKVVICLVNGWAAGGGHSLHVVCDLTLASREYARFKQTDADVGSFDGGYGSAYLARQVGQKFAREIFFLGRTYT
AEQMHQMGAVNAVAEHAELETVGLQWAAEINAKSPQAQRMLKFAFNLLDDGLVGQQLFAGEATRLAYMTDEAVEGRDAFL
QKRPPDWSPFPRYF
;
_entity_poly.pdbx_strand_id   A,B,C
#
# COMPACT_ATOMS: atom_id res chain seq x y z
N ASP A 37 -28.70 -36.90 8.58
CA ASP A 37 -27.75 -37.06 7.48
C ASP A 37 -27.19 -35.73 6.93
N ASN A 38 -28.06 -34.76 6.69
CA ASN A 38 -27.67 -33.51 6.04
C ASN A 38 -26.98 -32.55 7.00
N PRO A 39 -25.89 -31.90 6.54
CA PRO A 39 -25.16 -30.87 7.28
C PRO A 39 -26.05 -29.67 7.61
N PHE A 40 -26.97 -29.37 6.70
CA PHE A 40 -27.81 -28.18 6.83
C PHE A 40 -28.93 -28.39 7.87
N ASP A 41 -28.96 -27.50 8.87
CA ASP A 41 -30.02 -27.53 9.87
C ASP A 41 -31.00 -26.38 9.63
N ALA A 42 -32.10 -26.68 8.94
CA ALA A 42 -33.06 -25.67 8.50
C ALA A 42 -33.63 -24.82 9.64
N LYS A 43 -33.63 -25.37 10.85
CA LYS A 43 -34.12 -24.62 12.00
C LYS A 43 -33.16 -23.50 12.42
N ALA A 44 -31.90 -23.58 11.99
CA ALA A 44 -30.90 -22.64 12.47
C ALA A 44 -30.78 -21.39 11.59
N TRP A 45 -31.36 -21.44 10.40
CA TRP A 45 -31.12 -20.40 9.40
C TRP A 45 -32.39 -19.70 8.90
N ARG A 46 -32.26 -18.40 8.67
CA ARG A 46 -33.32 -17.58 8.10
C ARG A 46 -32.85 -16.94 6.80
N LEU A 47 -33.66 -17.03 5.75
CA LEU A 47 -33.30 -16.42 4.47
C LEU A 47 -33.03 -14.93 4.64
N VAL A 48 -32.12 -14.40 3.83
CA VAL A 48 -31.79 -12.98 3.92
C VAL A 48 -32.76 -12.17 3.08
N ASP A 49 -33.40 -11.18 3.70
CA ASP A 49 -34.31 -10.29 3.00
C ASP A 49 -33.63 -9.61 1.82
N GLY A 50 -34.26 -9.68 0.65
CA GLY A 50 -33.75 -9.00 -0.53
C GLY A 50 -33.15 -9.94 -1.56
N PHE A 51 -33.06 -11.22 -1.21
CA PHE A 51 -32.45 -12.19 -2.10
C PHE A 51 -33.40 -13.31 -2.47
N ASP A 52 -34.68 -12.98 -2.49
CA ASP A 52 -35.72 -13.92 -2.88
C ASP A 52 -35.57 -14.33 -4.35
N ASP A 53 -34.72 -13.63 -5.08
CA ASP A 53 -34.55 -13.89 -6.51
C ASP A 53 -33.43 -14.87 -6.87
N LEU A 54 -32.57 -15.20 -5.92
CA LEU A 54 -31.41 -16.04 -6.23
C LEU A 54 -31.79 -17.41 -6.78
N THR A 55 -31.06 -17.89 -7.78
CA THR A 55 -31.34 -19.17 -8.41
C THR A 55 -30.17 -20.15 -8.32
N ASP A 56 -28.95 -19.63 -8.18
CA ASP A 56 -27.77 -20.49 -8.16
C ASP A 56 -27.13 -20.52 -6.78
N ILE A 57 -27.61 -19.68 -5.88
CA ILE A 57 -26.98 -19.47 -4.59
C ILE A 57 -28.05 -19.37 -3.52
N THR A 58 -27.78 -19.93 -2.35
CA THR A 58 -28.64 -19.68 -1.21
C THR A 58 -27.89 -18.79 -0.22
N TYR A 59 -28.64 -17.99 0.54
CA TYR A 59 -28.06 -17.01 1.43
C TYR A 59 -28.84 -16.89 2.73
N HIS A 60 -28.24 -17.31 3.84
CA HIS A 60 -28.90 -17.30 5.14
C HIS A 60 -28.15 -16.53 6.21
N ARG A 61 -28.91 -15.98 7.14
CA ARG A 61 -28.35 -15.41 8.35
C ARG A 61 -28.73 -16.38 9.47
N HIS A 62 -27.79 -16.67 10.36
CA HIS A 62 -28.10 -17.55 11.47
C HIS A 62 -29.14 -16.84 12.31
N VAL A 63 -29.97 -17.60 13.03
CA VAL A 63 -31.09 -17.02 13.78
C VAL A 63 -30.65 -16.23 15.02
N ASP A 64 -29.49 -16.58 15.56
CA ASP A 64 -28.93 -15.89 16.73
C ASP A 64 -27.58 -15.24 16.42
N ASP A 65 -26.75 -15.92 15.63
CA ASP A 65 -25.35 -15.53 15.48
C ASP A 65 -25.06 -14.49 14.38
N ALA A 66 -23.94 -13.81 14.54
CA ALA A 66 -23.47 -12.86 13.54
C ALA A 66 -22.74 -13.64 12.45
N THR A 67 -23.46 -14.60 11.86
CA THR A 67 -22.87 -15.52 10.90
C THR A 67 -23.85 -15.74 9.75
N VAL A 68 -23.33 -15.71 8.53
CA VAL A 68 -24.15 -16.05 7.36
C VAL A 68 -23.70 -17.33 6.70
N ARG A 69 -24.58 -17.90 5.88
CA ARG A 69 -24.29 -19.13 5.17
C ARG A 69 -24.47 -18.82 3.71
N VAL A 70 -23.41 -19.01 2.93
CA VAL A 70 -23.43 -18.79 1.50
C VAL A 70 -23.11 -20.11 0.83
N ALA A 71 -23.97 -20.56 -0.07
CA ALA A 71 -23.86 -21.92 -0.59
C ALA A 71 -24.19 -22.03 -2.06
N PHE A 72 -23.38 -22.81 -2.77
CA PHE A 72 -23.72 -23.13 -4.13
C PHE A 72 -25.04 -23.94 -4.13
N ASN A 73 -25.93 -23.60 -5.04
CA ASN A 73 -27.25 -24.22 -5.06
C ASN A 73 -27.60 -24.86 -6.40
N ARG A 74 -26.65 -25.59 -6.96
CA ARG A 74 -26.88 -26.36 -8.16
C ARG A 74 -26.37 -27.78 -7.99
N PRO A 75 -26.85 -28.48 -6.94
CA PRO A 75 -26.34 -29.81 -6.60
C PRO A 75 -26.55 -30.75 -7.78
N GLU A 76 -27.57 -30.44 -8.57
CA GLU A 76 -27.91 -31.24 -9.73
C GLU A 76 -26.74 -31.34 -10.70
N VAL A 77 -25.94 -30.27 -10.77
CA VAL A 77 -24.73 -30.26 -11.60
C VAL A 77 -23.43 -30.19 -10.78
N ARG A 78 -23.38 -30.90 -9.66
CA ARG A 78 -22.15 -30.98 -8.87
C ARG A 78 -21.74 -29.59 -8.36
N ASN A 79 -22.71 -28.71 -8.22
CA ASN A 79 -22.46 -27.32 -7.83
C ASN A 79 -21.39 -26.63 -8.68
N ALA A 80 -21.36 -26.95 -9.97
CA ALA A 80 -20.49 -26.24 -10.90
C ALA A 80 -21.04 -24.82 -11.09
N PHE A 81 -20.16 -23.83 -11.21
CA PHE A 81 -20.65 -22.47 -11.43
C PHE A 81 -20.65 -22.11 -12.90
N ARG A 82 -21.76 -21.52 -13.33
CA ARG A 82 -21.84 -20.87 -14.63
C ARG A 82 -21.70 -19.38 -14.36
N PRO A 83 -21.59 -18.56 -15.42
CA PRO A 83 -21.40 -17.12 -15.19
C PRO A 83 -22.45 -16.50 -14.26
N HIS A 84 -23.72 -16.86 -14.45
CA HIS A 84 -24.78 -16.32 -13.60
C HIS A 84 -24.52 -16.66 -12.12
N THR A 85 -24.01 -17.85 -11.86
CA THR A 85 -23.65 -18.27 -10.50
C THR A 85 -22.64 -17.29 -9.90
N VAL A 86 -21.62 -16.97 -10.67
CA VAL A 86 -20.57 -16.08 -10.18
C VAL A 86 -21.12 -14.70 -9.81
N ASP A 87 -21.94 -14.13 -10.68
CA ASP A 87 -22.60 -12.87 -10.39
C ASP A 87 -23.33 -12.94 -9.05
N GLU A 88 -24.10 -14.02 -8.84
CA GLU A 88 -24.87 -14.14 -7.61
C GLU A 88 -23.95 -14.31 -6.41
N LEU A 89 -22.94 -15.15 -6.55
CA LEU A 89 -21.99 -15.36 -5.46
C LEU A 89 -21.32 -14.02 -5.07
N TYR A 90 -20.85 -13.27 -6.07
CA TYR A 90 -20.22 -12.00 -5.77
C TYR A 90 -21.20 -11.10 -5.04
N ARG A 91 -22.41 -11.03 -5.57
CA ARG A 91 -23.46 -10.17 -5.04
CA ARG A 91 -23.46 -10.17 -5.03
C ARG A 91 -23.72 -10.46 -3.56
N VAL A 92 -23.85 -11.73 -3.23
CA VAL A 92 -24.13 -12.14 -1.84
C VAL A 92 -22.93 -11.94 -0.90
N LEU A 93 -21.75 -12.30 -1.36
CA LEU A 93 -20.55 -12.07 -0.55
C LEU A 93 -20.34 -10.57 -0.33
N ASP A 94 -20.60 -9.77 -1.36
CA ASP A 94 -20.43 -8.33 -1.25
C ASP A 94 -21.41 -7.80 -0.22
N HIS A 95 -22.65 -8.27 -0.32
CA HIS A 95 -23.66 -7.86 0.65
C HIS A 95 -23.23 -8.21 2.07
N ALA A 96 -22.69 -9.41 2.25
CA ALA A 96 -22.26 -9.83 3.58
C ALA A 96 -21.07 -9.01 4.09
N ARG A 97 -20.16 -8.68 3.19
CA ARG A 97 -19.03 -7.81 3.55
C ARG A 97 -19.51 -6.50 4.15
N MET A 98 -20.60 -5.98 3.59
CA MET A 98 -21.13 -4.68 3.99
C MET A 98 -22.14 -4.69 5.14
N SER A 99 -22.40 -5.87 5.72
CA SER A 99 -23.35 -5.99 6.83
C SER A 99 -22.62 -5.98 8.18
N PRO A 100 -22.70 -4.86 8.91
CA PRO A 100 -21.89 -4.63 10.12
C PRO A 100 -22.28 -5.53 11.28
N ASP A 101 -23.34 -6.31 11.12
CA ASP A 101 -23.79 -7.23 12.15
C ASP A 101 -23.47 -8.67 11.78
N VAL A 102 -22.59 -8.82 10.79
CA VAL A 102 -22.15 -10.13 10.35
C VAL A 102 -20.63 -10.23 10.47
N GLY A 103 -20.17 -11.11 11.35
CA GLY A 103 -18.76 -11.29 11.58
C GLY A 103 -18.10 -12.35 10.70
N VAL A 104 -18.85 -13.40 10.38
CA VAL A 104 -18.25 -14.57 9.74
C VAL A 104 -19.08 -15.07 8.58
N VAL A 105 -18.41 -15.52 7.53
CA VAL A 105 -19.08 -16.13 6.39
C VAL A 105 -18.72 -17.61 6.30
N LEU A 106 -19.75 -18.46 6.33
CA LEU A 106 -19.58 -19.86 6.03
C LEU A 106 -19.92 -20.03 4.56
N LEU A 107 -18.98 -20.57 3.80
CA LEU A 107 -19.14 -20.75 2.38
C LEU A 107 -19.13 -22.24 2.09
N THR A 108 -20.17 -22.74 1.43
CA THR A 108 -20.33 -24.18 1.27
C THR A 108 -21.18 -24.52 0.05
N GLY A 109 -21.49 -25.80 -0.12
CA GLY A 109 -22.35 -26.25 -1.19
C GLY A 109 -23.56 -27.00 -0.64
N ASN A 110 -24.73 -26.77 -1.25
CA ASN A 110 -25.94 -27.46 -0.85
C ASN A 110 -26.00 -28.86 -1.45
N GLY A 111 -26.60 -29.80 -0.72
CA GLY A 111 -26.81 -31.13 -1.28
C GLY A 111 -27.77 -31.99 -0.47
N PRO A 112 -27.85 -33.28 -0.83
CA PRO A 112 -27.05 -33.89 -1.90
C PRO A 112 -27.70 -33.69 -3.26
N SER A 113 -27.05 -34.19 -4.30
CA SER A 113 -27.62 -34.15 -5.64
C SER A 113 -28.92 -34.95 -5.64
N PRO A 114 -29.97 -34.40 -6.25
CA PRO A 114 -31.25 -35.11 -6.36
C PRO A 114 -31.15 -36.22 -7.38
N LYS A 115 -30.16 -36.12 -8.26
CA LYS A 115 -30.01 -37.08 -9.35
C LYS A 115 -29.33 -38.37 -8.90
N ASP A 116 -28.20 -38.25 -8.22
CA ASP A 116 -27.39 -39.41 -7.88
C ASP A 116 -27.07 -39.50 -6.39
N GLY A 117 -27.54 -38.51 -5.63
CA GLY A 117 -27.35 -38.51 -4.18
C GLY A 117 -25.90 -38.26 -3.76
N GLY A 118 -25.11 -37.65 -4.63
CA GLY A 118 -23.73 -37.34 -4.31
C GLY A 118 -23.57 -36.02 -3.58
N TRP A 119 -22.34 -35.73 -3.17
CA TRP A 119 -22.06 -34.49 -2.47
C TRP A 119 -21.01 -33.66 -3.19
N ALA A 120 -21.28 -32.37 -3.30
CA ALA A 120 -20.34 -31.47 -3.94
C ALA A 120 -20.35 -30.12 -3.26
N PHE A 121 -19.19 -29.66 -2.82
CA PHE A 121 -19.04 -28.27 -2.45
C PHE A 121 -19.14 -27.41 -3.71
N CYS A 122 -18.17 -27.58 -4.60
CA CYS A 122 -18.13 -26.90 -5.89
C CYS A 122 -17.13 -27.58 -6.81
N SER A 123 -17.58 -27.97 -7.99
CA SER A 123 -16.78 -28.77 -8.90
C SER A 123 -16.10 -27.92 -9.98
N GLY A 124 -16.15 -26.61 -9.81
CA GLY A 124 -15.51 -25.70 -10.74
C GLY A 124 -16.46 -25.11 -11.76
N GLY A 125 -15.91 -24.74 -12.91
CA GLY A 125 -16.68 -24.07 -13.94
C GLY A 125 -17.64 -24.98 -14.68
N ASP A 126 -18.83 -24.45 -14.99
CA ASP A 126 -19.81 -25.19 -15.76
C ASP A 126 -19.41 -25.27 -17.23
C ARG A 153 -19.22 -10.43 -10.67
N LEU A 154 -18.26 -11.07 -11.32
CA LEU A 154 -18.39 -11.46 -12.72
C LEU A 154 -17.49 -12.65 -13.04
N HIS A 155 -16.19 -12.47 -12.87
CA HIS A 155 -15.23 -13.57 -12.96
C HIS A 155 -14.99 -14.13 -11.55
N ILE A 156 -14.62 -15.40 -11.47
CA ILE A 156 -14.31 -16.01 -10.18
C ILE A 156 -13.07 -15.38 -9.54
N LEU A 157 -12.17 -14.87 -10.36
CA LEU A 157 -11.00 -14.16 -9.85
C LEU A 157 -11.42 -12.97 -8.99
N GLU A 158 -12.51 -12.32 -9.38
CA GLU A 158 -13.04 -11.21 -8.61
C GLU A 158 -13.65 -11.69 -7.29
N VAL A 159 -14.20 -12.90 -7.30
CA VAL A 159 -14.74 -13.48 -6.07
C VAL A 159 -13.61 -13.80 -5.09
N GLN A 160 -12.53 -14.36 -5.61
CA GLN A 160 -11.34 -14.62 -4.80
C GLN A 160 -10.86 -13.36 -4.05
N ARG A 161 -10.76 -12.26 -4.77
CA ARG A 161 -10.27 -11.01 -4.19
C ARG A 161 -11.25 -10.47 -3.16
N LEU A 162 -12.54 -10.56 -3.46
CA LEU A 162 -13.56 -10.15 -2.50
C LEU A 162 -13.44 -10.96 -1.20
N ILE A 163 -13.22 -12.26 -1.31
CA ILE A 163 -13.01 -13.10 -0.14
C ILE A 163 -11.71 -12.71 0.57
N ARG A 164 -10.67 -12.51 -0.24
CA ARG A 164 -9.36 -12.15 0.26
C ARG A 164 -9.39 -10.82 1.01
N PHE A 165 -10.07 -9.83 0.44
CA PHE A 165 -9.98 -8.46 0.96
C PHE A 165 -11.04 -8.12 2.00
N MET A 166 -12.11 -8.90 2.10
CA MET A 166 -13.17 -8.50 3.01
C MET A 166 -12.68 -8.60 4.45
N PRO A 167 -13.01 -7.58 5.27
CA PRO A 167 -12.52 -7.49 6.64
C PRO A 167 -13.25 -8.43 7.59
N LYS A 168 -13.48 -9.66 7.15
CA LYS A 168 -14.04 -10.68 8.02
C LYS A 168 -13.61 -12.07 7.60
N VAL A 169 -13.68 -13.00 8.55
CA VAL A 169 -13.23 -14.36 8.34
C VAL A 169 -14.23 -15.15 7.48
N VAL A 170 -13.71 -15.72 6.39
CA VAL A 170 -14.50 -16.57 5.52
C VAL A 170 -14.02 -18.00 5.75
N ILE A 171 -14.93 -18.86 6.21
CA ILE A 171 -14.64 -20.26 6.45
C ILE A 171 -15.30 -21.09 5.37
N CYS A 172 -14.49 -21.89 4.69
CA CYS A 172 -15.01 -22.82 3.69
C CYS A 172 -15.38 -24.15 4.35
N LEU A 173 -16.62 -24.57 4.14
CA LEU A 173 -17.09 -25.88 4.60
C LEU A 173 -17.14 -26.83 3.41
N VAL A 174 -16.14 -27.69 3.29
CA VAL A 174 -16.11 -28.60 2.16
C VAL A 174 -16.94 -29.84 2.48
N ASN A 175 -18.13 -29.88 1.89
CA ASN A 175 -19.11 -30.91 2.19
C ASN A 175 -19.11 -31.98 1.11
N GLY A 176 -18.24 -31.82 0.13
CA GLY A 176 -18.19 -32.77 -0.96
C GLY A 176 -17.05 -32.49 -1.92
N TRP A 177 -17.23 -32.82 -3.18
CA TRP A 177 -16.23 -32.55 -4.19
C TRP A 177 -15.86 -31.06 -4.20
N ALA A 178 -14.57 -30.79 -4.19
CA ALA A 178 -14.04 -29.45 -4.39
C ALA A 178 -12.99 -29.58 -5.46
N ALA A 179 -13.36 -29.26 -6.70
CA ALA A 179 -12.48 -29.47 -7.84
C ALA A 179 -12.33 -28.21 -8.68
N GLY A 180 -11.22 -28.12 -9.41
CA GLY A 180 -10.95 -26.96 -10.25
C GLY A 180 -11.12 -25.65 -9.52
N GLY A 181 -11.88 -24.73 -10.11
CA GLY A 181 -12.18 -23.46 -9.48
C GLY A 181 -12.84 -23.59 -8.12
N GLY A 182 -13.59 -24.67 -7.93
CA GLY A 182 -14.18 -24.94 -6.63
C GLY A 182 -13.12 -25.22 -5.58
N HIS A 183 -12.08 -25.94 -5.96
CA HIS A 183 -10.93 -26.15 -5.09
C HIS A 183 -10.19 -24.84 -4.78
N SER A 184 -10.02 -23.99 -5.79
CA SER A 184 -9.32 -22.72 -5.61
C SER A 184 -10.08 -21.78 -4.68
N LEU A 185 -11.42 -21.86 -4.70
CA LEU A 185 -12.23 -21.12 -3.73
C LEU A 185 -11.92 -21.51 -2.30
N HIS A 186 -11.80 -22.82 -2.04
CA HIS A 186 -11.47 -23.30 -0.71
C HIS A 186 -10.09 -22.80 -0.27
N VAL A 187 -9.14 -22.81 -1.20
CA VAL A 187 -7.76 -22.38 -0.91
C VAL A 187 -7.70 -20.92 -0.43
N VAL A 188 -8.47 -20.04 -1.06
CA VAL A 188 -8.38 -18.61 -0.77
C VAL A 188 -9.14 -18.19 0.49
N CYS A 189 -10.07 -19.00 0.96
CA CYS A 189 -10.76 -18.73 2.22
C CYS A 189 -9.78 -18.76 3.37
N ASP A 190 -10.11 -18.03 4.43
CA ASP A 190 -9.25 -17.95 5.60
C ASP A 190 -9.08 -19.28 6.33
N LEU A 191 -10.18 -20.01 6.47
CA LEU A 191 -10.16 -21.28 7.16
C LEU A 191 -10.96 -22.31 6.36
N THR A 192 -10.61 -23.58 6.49
CA THR A 192 -11.39 -24.63 5.84
C THR A 192 -11.71 -25.78 6.81
N LEU A 193 -12.97 -26.15 6.88
CA LEU A 193 -13.40 -27.33 7.63
C LEU A 193 -13.94 -28.29 6.58
N ALA A 194 -13.70 -29.59 6.77
CA ALA A 194 -14.10 -30.55 5.73
C ALA A 194 -14.76 -31.85 6.24
N SER A 195 -15.70 -32.34 5.46
CA SER A 195 -16.44 -33.55 5.77
C SER A 195 -15.55 -34.79 5.69
N ARG A 196 -15.42 -35.49 6.80
CA ARG A 196 -14.57 -36.67 6.88
C ARG A 196 -14.94 -37.69 5.82
N GLU A 197 -16.23 -37.89 5.65
CA GLU A 197 -16.74 -38.90 4.74
C GLU A 197 -16.75 -38.49 3.26
N TYR A 198 -17.08 -37.24 2.98
CA TYR A 198 -17.40 -36.86 1.60
C TYR A 198 -16.60 -35.72 0.96
N ALA A 199 -15.75 -35.03 1.73
CA ALA A 199 -14.90 -34.02 1.12
C ALA A 199 -13.95 -34.71 0.15
N ARG A 200 -13.82 -34.14 -1.03
CA ARG A 200 -12.88 -34.63 -2.04
C ARG A 200 -12.18 -33.43 -2.65
N PHE A 201 -10.86 -33.41 -2.58
CA PHE A 201 -10.07 -32.30 -3.09
C PHE A 201 -9.34 -32.75 -4.32
N LYS A 202 -9.66 -32.12 -5.44
CA LYS A 202 -9.06 -32.50 -6.71
C LYS A 202 -8.80 -31.27 -7.58
N GLN A 203 -7.53 -31.04 -7.90
CA GLN A 203 -7.19 -29.95 -8.82
C GLN A 203 -7.11 -30.50 -10.25
N THR A 204 -8.20 -30.32 -10.98
CA THR A 204 -8.31 -30.85 -12.33
C THR A 204 -7.83 -29.85 -13.38
N ASP A 205 -7.35 -28.70 -12.93
CA ASP A 205 -6.92 -27.63 -13.84
C ASP A 205 -6.05 -28.12 -14.99
N ALA A 206 -4.90 -28.71 -14.66
CA ALA A 206 -3.96 -29.17 -15.69
C ALA A 206 -4.55 -30.26 -16.59
N ASP A 207 -5.58 -30.94 -16.09
CA ASP A 207 -6.24 -32.01 -16.84
C ASP A 207 -6.99 -31.48 -18.04
N VAL A 208 -7.57 -30.30 -17.88
CA VAL A 208 -8.37 -29.71 -18.96
C VAL A 208 -7.63 -28.56 -19.64
N GLY A 209 -6.32 -28.49 -19.44
CA GLY A 209 -5.51 -27.48 -20.08
C GLY A 209 -5.68 -26.09 -19.49
N SER A 210 -6.16 -26.01 -18.25
CA SER A 210 -6.36 -24.74 -17.57
C SER A 210 -5.48 -24.62 -16.32
N PHE A 211 -5.39 -23.42 -15.77
CA PHE A 211 -4.62 -23.24 -14.54
C PHE A 211 -5.04 -21.99 -13.80
N ASP A 212 -5.06 -22.09 -12.48
CA ASP A 212 -5.19 -20.93 -11.62
C ASP A 212 -3.79 -20.64 -11.13
N GLY A 213 -3.16 -19.59 -11.67
CA GLY A 213 -1.78 -19.28 -11.35
C GLY A 213 -1.62 -18.30 -10.21
N GLY A 214 -2.73 -18.03 -9.51
CA GLY A 214 -2.73 -17.09 -8.40
C GLY A 214 -3.04 -17.75 -7.05
N TYR A 215 -4.14 -17.34 -6.45
CA TYR A 215 -4.52 -17.89 -5.16
C TYR A 215 -4.77 -19.40 -5.21
N GLY A 216 -5.17 -19.92 -6.37
CA GLY A 216 -5.45 -21.34 -6.48
C GLY A 216 -4.23 -22.21 -6.25
N SER A 217 -3.08 -21.76 -6.76
CA SER A 217 -1.86 -22.56 -6.68
C SER A 217 -0.81 -21.97 -5.75
N ALA A 218 -0.35 -20.76 -6.08
CA ALA A 218 0.72 -20.16 -5.31
C ALA A 218 0.32 -20.04 -3.85
N TYR A 219 -0.90 -19.61 -3.59
CA TYR A 219 -1.33 -19.44 -2.22
C TYR A 219 -1.47 -20.79 -1.50
N LEU A 220 -1.85 -21.83 -2.25
CA LEU A 220 -1.88 -23.18 -1.70
C LEU A 220 -0.51 -23.58 -1.13
N ALA A 221 0.58 -23.13 -1.78
CA ALA A 221 1.95 -23.39 -1.29
C ALA A 221 2.28 -22.68 0.02
N ARG A 222 1.54 -21.61 0.34
CA ARG A 222 1.73 -20.93 1.62
C ARG A 222 0.92 -21.65 2.71
N GLN A 223 0.27 -22.76 2.33
CA GLN A 223 -0.46 -23.57 3.32
C GLN A 223 0.13 -24.98 3.48
N VAL A 224 0.52 -25.64 2.40
CA VAL A 224 1.02 -27.01 2.45
C VAL A 224 2.50 -27.14 2.13
N GLY A 225 3.12 -26.04 1.70
CA GLY A 225 4.53 -26.08 1.35
C GLY A 225 4.68 -26.31 -0.14
N GLN A 226 5.86 -26.02 -0.65
CA GLN A 226 6.12 -26.11 -2.09
C GLN A 226 6.04 -27.54 -2.68
N LYS A 227 6.53 -28.55 -1.97
CA LYS A 227 6.48 -29.94 -2.47
C LYS A 227 5.03 -30.45 -2.61
N PHE A 228 4.25 -30.36 -1.53
CA PHE A 228 2.86 -30.82 -1.58
C PHE A 228 2.01 -30.04 -2.59
N ALA A 229 2.21 -28.73 -2.66
CA ALA A 229 1.40 -27.90 -3.56
C ALA A 229 1.66 -28.27 -5.02
N ARG A 230 2.92 -28.54 -5.33
CA ARG A 230 3.30 -28.91 -6.68
C ARG A 230 2.70 -30.30 -7.01
N GLU A 231 2.69 -31.19 -6.02
CA GLU A 231 2.12 -32.52 -6.19
C GLU A 231 0.64 -32.40 -6.52
N ILE A 232 -0.05 -31.60 -5.71
CA ILE A 232 -1.49 -31.47 -5.85
C ILE A 232 -1.88 -31.04 -7.26
N PHE A 233 -1.15 -30.06 -7.81
CA PHE A 233 -1.43 -29.53 -9.15
C PHE A 233 -0.87 -30.37 -10.30
N PHE A 234 0.39 -30.78 -10.22
CA PHE A 234 1.00 -31.54 -11.31
C PHE A 234 0.30 -32.91 -11.52
N LEU A 235 -0.08 -33.58 -10.44
CA LEU A 235 -0.70 -34.90 -10.58
C LEU A 235 -2.23 -34.84 -10.60
N GLY A 236 -2.79 -33.80 -9.99
CA GLY A 236 -4.23 -33.66 -9.94
C GLY A 236 -4.93 -34.89 -9.35
N ARG A 237 -4.33 -35.51 -8.34
CA ARG A 237 -4.98 -36.64 -7.66
C ARG A 237 -6.09 -36.16 -6.74
N THR A 238 -6.90 -37.11 -6.26
CA THR A 238 -7.98 -36.80 -5.33
C THR A 238 -7.51 -37.08 -3.91
N TYR A 239 -7.83 -36.15 -3.00
CA TYR A 239 -7.45 -36.28 -1.61
C TYR A 239 -8.68 -36.21 -0.73
N THR A 240 -8.59 -36.88 0.42
CA THR A 240 -9.62 -36.80 1.44
C THR A 240 -9.37 -35.62 2.38
N ALA A 241 -10.38 -35.34 3.20
CA ALA A 241 -10.32 -34.32 4.23
C ALA A 241 -9.09 -34.50 5.11
N GLU A 242 -8.82 -35.73 5.50
CA GLU A 242 -7.78 -35.99 6.49
C GLU A 242 -6.40 -35.82 5.87
N GLN A 243 -6.26 -36.22 4.61
CA GLN A 243 -5.01 -36.01 3.91
C GLN A 243 -4.70 -34.51 3.80
N MET A 244 -5.70 -33.73 3.39
CA MET A 244 -5.50 -32.28 3.26
C MET A 244 -5.26 -31.62 4.61
N HIS A 245 -5.81 -32.22 5.66
CA HIS A 245 -5.60 -31.71 7.01
C HIS A 245 -4.14 -31.91 7.42
N GLN A 246 -3.60 -33.08 7.09
CA GLN A 246 -2.21 -33.40 7.41
C GLN A 246 -1.24 -32.53 6.62
N MET A 247 -1.61 -32.20 5.39
CA MET A 247 -0.72 -31.40 4.56
C MET A 247 -0.77 -29.91 4.94
N GLY A 248 -1.89 -29.47 5.52
CA GLY A 248 -2.01 -28.12 6.03
C GLY A 248 -3.00 -27.20 5.32
N ALA A 249 -3.75 -27.73 4.34
CA ALA A 249 -4.79 -26.93 3.68
C ALA A 249 -6.15 -27.00 4.37
N VAL A 250 -6.34 -28.00 5.22
CA VAL A 250 -7.61 -28.15 5.95
C VAL A 250 -7.39 -27.98 7.44
N ASN A 251 -8.13 -27.06 8.04
CA ASN A 251 -7.99 -26.76 9.46
C ASN A 251 -8.48 -27.90 10.38
N ALA A 252 -9.64 -28.45 10.06
CA ALA A 252 -10.17 -29.56 10.82
C ALA A 252 -11.14 -30.41 10.02
N VAL A 253 -11.20 -31.68 10.38
CA VAL A 253 -12.10 -32.63 9.76
C VAL A 253 -13.29 -32.89 10.68
N ALA A 254 -14.49 -32.88 10.12
CA ALA A 254 -15.70 -33.10 10.92
C ALA A 254 -16.56 -34.18 10.28
N GLU A 255 -17.28 -34.93 11.11
CA GLU A 255 -18.28 -35.87 10.62
C GLU A 255 -19.25 -35.10 9.76
N HIS A 256 -19.67 -35.71 8.65
CA HIS A 256 -20.46 -35.03 7.66
C HIS A 256 -21.66 -34.26 8.23
N ALA A 257 -22.48 -34.94 9.03
CA ALA A 257 -23.72 -34.36 9.54
C ALA A 257 -23.46 -33.19 10.49
N GLU A 258 -22.25 -33.11 11.01
CA GLU A 258 -21.89 -32.06 11.95
C GLU A 258 -21.11 -30.89 11.30
N LEU A 259 -20.87 -30.98 10.00
CA LEU A 259 -19.97 -30.04 9.34
C LEU A 259 -20.36 -28.58 9.59
N GLU A 260 -21.64 -28.24 9.39
CA GLU A 260 -22.11 -26.88 9.60
C GLU A 260 -22.22 -26.52 11.07
N THR A 261 -22.51 -27.52 11.91
CA THR A 261 -22.52 -27.31 13.36
C THR A 261 -21.13 -26.89 13.87
N VAL A 262 -20.09 -27.54 13.39
CA VAL A 262 -18.72 -27.16 13.74
C VAL A 262 -18.36 -25.77 13.17
N GLY A 263 -18.70 -25.52 11.92
CA GLY A 263 -18.55 -24.21 11.32
C GLY A 263 -19.12 -23.11 12.21
N LEU A 264 -20.35 -23.31 12.65
CA LEU A 264 -21.01 -22.37 13.57
C LEU A 264 -20.27 -22.19 14.89
N GLN A 265 -19.74 -23.28 15.43
CA GLN A 265 -18.97 -23.19 16.67
C GLN A 265 -17.67 -22.37 16.42
N TRP A 266 -17.01 -22.60 15.30
CA TRP A 266 -15.80 -21.82 14.99
C TRP A 266 -16.17 -20.34 14.80
N ALA A 267 -17.26 -20.10 14.07
CA ALA A 267 -17.73 -18.74 13.85
C ALA A 267 -18.02 -18.01 15.17
N ALA A 268 -18.67 -18.71 16.09
CA ALA A 268 -18.99 -18.12 17.40
C ALA A 268 -17.73 -17.74 18.19
N GLU A 269 -16.71 -18.60 18.16
CA GLU A 269 -15.46 -18.31 18.86
C GLU A 269 -14.75 -17.10 18.23
N ILE A 270 -14.86 -16.97 16.91
CA ILE A 270 -14.32 -15.84 16.18
C ILE A 270 -15.07 -14.55 16.52
N ASN A 271 -16.40 -14.66 16.46
CA ASN A 271 -17.28 -13.54 16.76
C ASN A 271 -17.18 -13.07 18.21
N ALA A 272 -16.65 -13.91 19.09
CA ALA A 272 -16.53 -13.54 20.51
C ALA A 272 -15.30 -12.68 20.79
N LYS A 273 -14.54 -12.37 19.75
CA LYS A 273 -13.33 -11.59 19.94
C LYS A 273 -13.53 -10.17 19.45
N SER A 274 -12.63 -9.29 19.87
CA SER A 274 -12.62 -7.91 19.39
C SER A 274 -12.62 -7.90 17.86
N PRO A 275 -13.70 -7.36 17.25
CA PRO A 275 -13.81 -7.33 15.77
C PRO A 275 -12.64 -6.53 15.16
N GLN A 276 -12.23 -5.47 15.84
CA GLN A 276 -11.10 -4.64 15.41
C GLN A 276 -9.77 -5.41 15.28
N ALA A 277 -9.42 -6.13 16.35
CA ALA A 277 -8.20 -6.94 16.34
C ALA A 277 -8.27 -8.02 15.27
N GLN A 278 -9.46 -8.63 15.09
CA GLN A 278 -9.67 -9.65 14.07
C GLN A 278 -9.41 -9.12 12.64
N ARG A 279 -9.94 -7.93 12.35
CA ARG A 279 -9.70 -7.33 11.04
C ARG A 279 -8.21 -7.06 10.81
N MET A 280 -7.55 -6.52 11.82
CA MET A 280 -6.13 -6.16 11.70
C MET A 280 -5.32 -7.42 11.47
N LEU A 281 -5.66 -8.47 12.22
CA LEU A 281 -4.96 -9.74 12.13
C LEU A 281 -5.08 -10.32 10.73
N LYS A 282 -6.30 -10.36 10.20
CA LYS A 282 -6.49 -10.88 8.84
C LYS A 282 -5.58 -10.16 7.83
N PHE A 283 -5.57 -8.84 7.88
CA PHE A 283 -4.80 -8.10 6.91
C PHE A 283 -3.32 -8.25 7.19
N ALA A 284 -2.98 -8.49 8.46
CA ALA A 284 -1.59 -8.81 8.82
C ALA A 284 -1.16 -10.13 8.19
N PHE A 285 -2.05 -11.13 8.17
CA PHE A 285 -1.73 -12.40 7.52
C PHE A 285 -1.62 -12.25 6.01
N ASN A 286 -2.51 -11.44 5.44
CA ASN A 286 -2.51 -11.21 3.99
C ASN A 286 -1.27 -10.45 3.54
N LEU A 287 -0.86 -9.48 4.36
CA LEU A 287 0.24 -8.55 4.07
C LEU A 287 1.54 -9.31 3.79
N LEU A 288 1.70 -10.45 4.46
CA LEU A 288 2.83 -11.32 4.20
C LEU A 288 3.08 -11.60 2.70
N ASP A 289 2.00 -11.74 1.92
CA ASP A 289 2.09 -12.28 0.58
C ASP A 289 1.49 -11.36 -0.48
N ASP A 290 0.64 -10.42 -0.05
CA ASP A 290 -0.12 -9.57 -0.98
C ASP A 290 0.62 -8.27 -1.35
N GLY A 291 1.89 -8.19 -0.98
CA GLY A 291 2.70 -7.02 -1.28
C GLY A 291 2.01 -5.70 -1.01
N LEU A 292 2.02 -4.83 -2.02
CA LEU A 292 1.56 -3.46 -1.86
C LEU A 292 0.05 -3.37 -1.68
N VAL A 293 -0.68 -4.27 -2.33
CA VAL A 293 -2.12 -4.38 -2.06
C VAL A 293 -2.36 -4.69 -0.59
N GLY A 294 -1.62 -5.67 -0.06
CA GLY A 294 -1.74 -6.03 1.35
C GLY A 294 -1.42 -4.85 2.24
N GLN A 295 -0.38 -4.08 1.87
CA GLN A 295 -0.03 -2.86 2.60
C GLN A 295 -1.19 -1.87 2.58
N GLN A 296 -1.77 -1.64 1.41
CA GLN A 296 -2.91 -0.74 1.30
C GLN A 296 -4.02 -1.11 2.29
N LEU A 297 -4.34 -2.39 2.34
CA LEU A 297 -5.48 -2.84 3.15
C LEU A 297 -5.18 -2.74 4.65
N PHE A 298 -3.99 -3.17 5.05
CA PHE A 298 -3.57 -3.07 6.44
C PHE A 298 -3.42 -1.61 6.87
N ALA A 299 -2.74 -0.80 6.05
CA ALA A 299 -2.57 0.61 6.34
C ALA A 299 -3.93 1.28 6.38
N GLY A 300 -4.78 0.95 5.42
CA GLY A 300 -6.15 1.43 5.43
C GLY A 300 -6.82 1.28 6.80
N GLU A 301 -6.65 0.11 7.42
CA GLU A 301 -7.24 -0.08 8.75
C GLU A 301 -6.54 0.81 9.78
N ALA A 302 -5.23 0.96 9.64
CA ALA A 302 -4.47 1.75 10.59
C ALA A 302 -4.91 3.21 10.51
N THR A 303 -5.16 3.68 9.30
CA THR A 303 -5.68 5.02 9.11
C THR A 303 -6.99 5.17 9.87
N ARG A 304 -7.84 4.15 9.79
CA ARG A 304 -9.10 4.14 10.53
C ARG A 304 -8.84 4.34 12.02
N LEU A 305 -8.04 3.46 12.61
CA LEU A 305 -7.64 3.61 14.01
C LEU A 305 -7.16 5.03 14.30
N ALA A 306 -6.46 5.63 13.33
CA ALA A 306 -5.93 6.98 13.48
C ALA A 306 -7.04 8.04 13.60
N TYR A 307 -8.01 7.98 12.70
CA TYR A 307 -9.11 8.96 12.69
C TYR A 307 -9.90 8.91 14.00
N MET A 308 -9.82 7.78 14.69
CA MET A 308 -10.49 7.62 15.97
C MET A 308 -9.67 8.22 17.11
N THR A 309 -8.67 9.02 16.78
CA THR A 309 -7.74 9.56 17.79
C THR A 309 -7.89 11.07 18.03
N ASP A 310 -7.66 11.46 19.28
CA ASP A 310 -7.75 12.87 19.68
C ASP A 310 -6.77 13.73 18.88
N GLU A 311 -5.66 13.12 18.47
CA GLU A 311 -4.69 13.79 17.62
C GLU A 311 -5.27 14.01 16.21
N ALA A 312 -5.88 12.98 15.67
CA ALA A 312 -6.53 13.06 14.36
C ALA A 312 -7.66 14.08 14.35
N VAL A 313 -8.33 14.25 15.49
CA VAL A 313 -9.42 15.20 15.62
C VAL A 313 -8.92 16.64 15.58
N GLU A 314 -7.88 16.91 16.38
CA GLU A 314 -7.27 18.24 16.44
C GLU A 314 -6.81 18.70 15.05
N GLY A 315 -6.32 17.77 14.24
CA GLY A 315 -5.93 18.08 12.88
C GLY A 315 -7.12 18.44 12.02
N LEU B 35 31.76 36.71 5.86
CA LEU B 35 32.94 35.94 5.46
C LEU B 35 33.02 34.59 6.18
N SER B 36 32.42 34.50 7.38
CA SER B 36 32.31 33.23 8.09
C SER B 36 31.43 32.27 7.28
N ASP B 37 31.97 31.09 7.01
CA ASP B 37 31.29 30.14 6.12
C ASP B 37 30.62 28.98 6.86
N ASN B 38 30.96 28.82 8.14
CA ASN B 38 30.47 27.70 8.94
C ASN B 38 28.94 27.59 9.05
N PRO B 39 28.39 26.42 8.68
CA PRO B 39 26.96 26.14 8.76
C PRO B 39 26.46 26.20 10.21
N PHE B 40 27.36 25.94 11.15
CA PHE B 40 27.03 25.90 12.57
C PHE B 40 26.71 27.27 13.14
N ASP B 41 25.47 27.44 13.60
CA ASP B 41 25.07 28.66 14.29
C ASP B 41 25.20 28.45 15.79
N ALA B 42 26.24 29.04 16.39
CA ALA B 42 26.53 28.80 17.81
C ALA B 42 25.43 29.29 18.76
N LYS B 43 24.62 30.23 18.29
CA LYS B 43 23.57 30.78 19.15
C LYS B 43 22.32 29.90 19.21
N ALA B 44 22.17 28.99 18.24
CA ALA B 44 20.94 28.23 18.11
C ALA B 44 20.96 26.87 18.79
N TRP B 45 22.10 26.50 19.39
CA TRP B 45 22.23 25.16 19.97
C TRP B 45 22.70 25.16 21.40
N ARG B 46 22.14 24.24 22.19
CA ARG B 46 22.58 24.06 23.57
C ARG B 46 23.04 22.63 23.76
N LEU B 47 24.04 22.43 24.61
CA LEU B 47 24.51 21.08 24.87
C LEU B 47 23.42 20.24 25.54
N VAL B 48 23.60 18.92 25.50
CA VAL B 48 22.65 18.02 26.11
C VAL B 48 23.27 17.45 27.38
N ASP B 49 22.57 17.66 28.50
CA ASP B 49 23.03 17.18 29.80
C ASP B 49 23.37 15.70 29.76
N GLY B 50 24.50 15.34 30.37
CA GLY B 50 24.89 13.95 30.49
C GLY B 50 25.78 13.50 29.35
N PHE B 51 26.16 14.42 28.49
CA PHE B 51 26.98 14.08 27.33
C PHE B 51 28.25 14.93 27.22
N ASP B 52 28.76 15.34 28.37
CA ASP B 52 29.99 16.13 28.43
C ASP B 52 31.22 15.25 28.20
N ASP B 53 31.04 13.95 28.28
CA ASP B 53 32.16 13.01 28.16
C ASP B 53 32.42 12.58 26.71
N LEU B 54 31.59 13.07 25.79
CA LEU B 54 31.72 12.72 24.37
C LEU B 54 33.02 13.27 23.79
N THR B 55 33.78 12.43 23.11
CA THR B 55 34.99 12.90 22.45
C THR B 55 34.90 12.92 20.92
N ASP B 56 34.19 11.95 20.34
CA ASP B 56 34.19 11.78 18.88
C ASP B 56 32.94 12.35 18.19
N ILE B 57 32.00 12.80 19.00
CA ILE B 57 30.67 13.13 18.53
C ILE B 57 30.21 14.33 19.34
N THR B 58 29.54 15.29 18.70
CA THR B 58 28.88 16.36 19.45
C THR B 58 27.37 16.22 19.38
N TYR B 59 26.70 16.67 20.44
CA TYR B 59 25.28 16.45 20.61
C TYR B 59 24.61 17.70 21.19
N HIS B 60 23.77 18.35 20.38
CA HIS B 60 23.08 19.55 20.81
C HIS B 60 21.58 19.44 20.68
N ARG B 61 20.88 20.26 21.46
CA ARG B 61 19.45 20.42 21.37
C ARG B 61 19.21 21.86 20.93
N HIS B 62 18.22 22.08 20.07
CA HIS B 62 17.95 23.44 19.60
C HIS B 62 17.39 24.25 20.76
N VAL B 63 17.64 25.56 20.76
CA VAL B 63 17.19 26.38 21.88
C VAL B 63 15.68 26.50 21.93
N ASP B 64 15.04 26.50 20.76
CA ASP B 64 13.58 26.57 20.65
C ASP B 64 12.94 25.27 20.15
N ASP B 65 13.48 24.72 19.06
CA ASP B 65 12.82 23.67 18.31
C ASP B 65 13.04 22.28 18.89
N ALA B 66 12.06 21.40 18.63
CA ALA B 66 12.14 19.99 18.97
C ALA B 66 13.02 19.27 17.95
N THR B 67 14.29 19.67 17.92
CA THR B 67 15.25 19.19 16.94
C THR B 67 16.61 19.06 17.59
N VAL B 68 17.33 18.00 17.27
CA VAL B 68 18.68 17.86 17.78
C VAL B 68 19.72 17.84 16.66
N ARG B 69 20.97 18.13 17.02
CA ARG B 69 22.06 18.12 16.07
C ARG B 69 23.06 17.06 16.51
N VAL B 70 23.26 16.06 15.65
CA VAL B 70 24.21 14.99 15.95
C VAL B 70 25.36 15.06 14.93
N ALA B 71 26.59 15.18 15.40
CA ALA B 71 27.69 15.47 14.46
C ALA B 71 28.97 14.70 14.73
N PHE B 72 29.57 14.17 13.68
CA PHE B 72 30.93 13.66 13.77
C PHE B 72 31.88 14.79 14.18
N ASN B 73 32.80 14.46 15.08
CA ASN B 73 33.70 15.43 15.66
C ASN B 73 35.17 15.03 15.54
N ARG B 74 35.57 14.53 14.38
CA ARG B 74 36.98 14.25 14.11
C ARG B 74 37.37 14.82 12.73
N PRO B 75 37.13 16.13 12.52
CA PRO B 75 37.34 16.76 11.20
C PRO B 75 38.78 16.60 10.76
N GLU B 76 39.67 16.41 11.74
CA GLU B 76 41.10 16.25 11.49
C GLU B 76 41.39 14.99 10.66
N VAL B 77 40.51 13.98 10.76
CA VAL B 77 40.64 12.80 9.91
C VAL B 77 39.45 12.62 8.99
N ARG B 78 38.90 13.74 8.50
CA ARG B 78 37.76 13.72 7.59
C ARG B 78 36.57 13.00 8.23
N ASN B 79 36.48 13.12 9.54
CA ASN B 79 35.35 12.58 10.30
C ASN B 79 35.13 11.09 10.07
N ALA B 80 36.22 10.36 9.92
CA ALA B 80 36.17 8.90 9.90
C ALA B 80 35.74 8.42 11.28
N PHE B 81 34.96 7.34 11.32
CA PHE B 81 34.60 6.75 12.59
C PHE B 81 35.52 5.58 12.95
N ARG B 82 35.97 5.56 14.19
CA ARG B 82 36.63 4.39 14.77
C ARG B 82 35.60 3.71 15.67
N PRO B 83 35.92 2.54 16.24
CA PRO B 83 34.88 1.85 17.02
C PRO B 83 34.28 2.72 18.13
N HIS B 84 35.12 3.44 18.85
CA HIS B 84 34.63 4.33 19.90
C HIS B 84 33.71 5.42 19.34
N THR B 85 33.93 5.81 18.08
CA THR B 85 33.07 6.80 17.45
C THR B 85 31.66 6.24 17.27
N VAL B 86 31.59 4.99 16.82
CA VAL B 86 30.31 4.32 16.59
C VAL B 86 29.53 4.11 17.88
N ASP B 87 30.22 3.68 18.95
CA ASP B 87 29.59 3.58 20.27
C ASP B 87 28.95 4.90 20.69
N GLU B 88 29.67 5.99 20.52
CA GLU B 88 29.16 7.28 20.95
C GLU B 88 27.98 7.70 20.09
N LEU B 89 28.05 7.35 18.81
CA LEU B 89 27.00 7.74 17.86
C LEU B 89 25.74 6.95 18.16
N TYR B 90 25.89 5.66 18.47
CA TYR B 90 24.74 4.87 18.86
C TYR B 90 24.08 5.47 20.10
N ARG B 91 24.88 5.65 21.16
CA ARG B 91 24.42 6.28 22.41
C ARG B 91 23.57 7.51 22.15
N VAL B 92 24.11 8.42 21.35
CA VAL B 92 23.49 9.72 21.13
C VAL B 92 22.15 9.59 20.40
N LEU B 93 22.17 8.83 19.31
CA LEU B 93 20.96 8.60 18.52
C LEU B 93 19.89 7.83 19.31
N ASP B 94 20.35 6.88 20.12
CA ASP B 94 19.42 6.11 20.95
C ASP B 94 18.75 7.08 21.92
N HIS B 95 19.57 7.95 22.51
CA HIS B 95 19.04 8.94 23.44
C HIS B 95 18.02 9.84 22.77
N ALA B 96 18.36 10.34 21.58
CA ALA B 96 17.43 11.18 20.83
C ALA B 96 16.14 10.45 20.45
N ARG B 97 16.27 9.15 20.15
CA ARG B 97 15.10 8.34 19.82
C ARG B 97 14.15 8.33 21.01
N MET B 98 14.72 8.28 22.20
CA MET B 98 13.97 8.10 23.43
C MET B 98 13.58 9.43 24.07
N SER B 99 13.86 10.53 23.39
CA SER B 99 13.52 11.85 23.91
C SER B 99 12.17 12.28 23.36
N PRO B 100 11.11 12.20 24.20
CA PRO B 100 9.73 12.45 23.78
C PRO B 100 9.53 13.83 23.19
N ASP B 101 10.34 14.81 23.61
CA ASP B 101 10.21 16.17 23.09
C ASP B 101 11.10 16.44 21.88
N VAL B 102 11.75 15.42 21.35
CA VAL B 102 12.55 15.60 20.15
C VAL B 102 11.88 14.92 18.97
N GLY B 103 11.57 15.69 17.95
CA GLY B 103 10.89 15.16 16.79
C GLY B 103 11.76 14.91 15.57
N VAL B 104 12.82 15.70 15.40
CA VAL B 104 13.68 15.56 14.22
C VAL B 104 15.17 15.52 14.58
N VAL B 105 15.91 14.62 13.91
CA VAL B 105 17.34 14.52 14.10
C VAL B 105 18.09 15.05 12.88
N LEU B 106 19.04 15.93 13.13
CA LEU B 106 19.91 16.42 12.07
C LEU B 106 21.25 15.74 12.26
N LEU B 107 21.62 14.90 11.31
CA LEU B 107 22.90 14.20 11.36
C LEU B 107 23.90 14.85 10.40
N THR B 108 25.05 15.28 10.93
CA THR B 108 26.02 15.98 10.11
C THR B 108 27.44 15.75 10.62
N GLY B 109 28.39 16.49 10.04
CA GLY B 109 29.77 16.44 10.48
C GLY B 109 30.28 17.83 10.81
N ASN B 110 31.08 17.95 11.86
CA ASN B 110 31.68 19.23 12.18
C ASN B 110 32.91 19.49 11.31
N GLY B 111 33.29 20.74 11.19
CA GLY B 111 34.45 21.12 10.41
C GLY B 111 34.66 22.63 10.47
N PRO B 112 35.65 23.13 9.72
CA PRO B 112 36.50 22.30 8.86
C PRO B 112 37.64 21.65 9.63
N SER B 113 38.39 20.80 8.94
CA SER B 113 39.62 20.28 9.49
C SER B 113 40.51 21.45 9.89
N PRO B 114 41.06 21.41 11.11
CA PRO B 114 41.99 22.46 11.58
C PRO B 114 43.29 22.34 10.82
N LYS B 115 43.51 21.17 10.24
CA LYS B 115 44.78 20.84 9.61
C LYS B 115 44.92 21.40 8.20
N ASP B 116 43.90 21.21 7.37
CA ASP B 116 43.96 21.71 5.99
C ASP B 116 42.72 22.46 5.55
N GLY B 117 41.79 22.71 6.48
CA GLY B 117 40.56 23.40 6.13
C GLY B 117 39.59 22.60 5.26
N GLY B 118 39.85 21.30 5.11
CA GLY B 118 38.95 20.45 4.33
C GLY B 118 37.64 20.13 5.06
N TRP B 119 36.55 20.06 4.32
CA TRP B 119 35.22 19.80 4.88
C TRP B 119 34.78 18.34 4.72
N ALA B 120 34.20 17.77 5.77
CA ALA B 120 33.71 16.39 5.72
C ALA B 120 32.44 16.16 6.54
N PHE B 121 31.50 15.44 5.95
CA PHE B 121 30.41 14.88 6.74
C PHE B 121 30.99 13.69 7.48
N CYS B 122 31.48 12.73 6.72
CA CYS B 122 32.03 11.49 7.28
C CYS B 122 32.71 10.68 6.19
N SER B 123 33.95 10.28 6.42
CA SER B 123 34.73 9.63 5.38
C SER B 123 34.72 8.13 5.54
N GLY B 124 33.90 7.65 6.47
CA GLY B 124 33.74 6.23 6.66
C GLY B 124 34.65 5.66 7.74
N GLY B 125 34.99 4.39 7.60
CA GLY B 125 35.75 3.69 8.62
C GLY B 125 37.17 4.20 8.76
N ASP B 126 37.57 4.48 10.00
CA ASP B 126 38.93 4.88 10.29
C ASP B 126 39.85 3.72 9.93
N GLN B 127 40.65 3.89 8.88
CA GLN B 127 41.48 2.80 8.38
C GLN B 127 42.76 2.60 9.19
N ARG B 128 43.12 3.60 9.99
CA ARG B 128 44.33 3.53 10.82
C ARG B 128 44.11 2.70 12.09
N ARG B 153 33.61 -1.08 14.08
CA ARG B 153 33.37 -0.71 12.68
C ARG B 153 32.01 -1.27 12.25
N LEU B 154 31.94 -2.60 12.13
CA LEU B 154 30.71 -3.29 11.73
C LEU B 154 29.54 -3.07 12.71
N HIS B 155 29.79 -2.33 13.79
CA HIS B 155 28.71 -1.93 14.68
C HIS B 155 27.96 -0.76 14.03
N ILE B 156 28.50 -0.28 12.91
CA ILE B 156 27.85 0.79 12.15
C ILE B 156 26.56 0.29 11.53
N LEU B 157 26.49 -1.01 11.25
CA LEU B 157 25.25 -1.63 10.77
C LEU B 157 24.13 -1.46 11.80
N GLU B 158 24.50 -1.49 13.08
CA GLU B 158 23.52 -1.28 14.13
C GLU B 158 23.04 0.17 14.14
N VAL B 159 23.95 1.09 13.82
CA VAL B 159 23.56 2.51 13.72
C VAL B 159 22.62 2.73 12.54
N GLN B 160 22.89 2.05 11.42
CA GLN B 160 21.96 2.04 10.29
C GLN B 160 20.52 1.66 10.70
N ARG B 161 20.38 0.53 11.38
CA ARG B 161 19.06 0.07 11.81
C ARG B 161 18.43 1.02 12.81
N LEU B 162 19.25 1.61 13.67
CA LEU B 162 18.75 2.58 14.63
C LEU B 162 18.12 3.78 13.92
N ILE B 163 18.75 4.20 12.83
CA ILE B 163 18.25 5.33 12.06
C ILE B 163 17.04 4.89 11.24
N ARG B 164 17.13 3.70 10.67
CA ARG B 164 16.05 3.16 9.85
C ARG B 164 14.79 2.95 10.71
N PHE B 165 14.97 2.43 11.93
CA PHE B 165 13.84 2.02 12.78
C PHE B 165 13.30 3.10 13.71
N MET B 166 14.04 4.19 13.93
CA MET B 166 13.56 5.17 14.89
C MET B 166 12.33 5.90 14.35
N PRO B 167 11.30 6.06 15.20
CA PRO B 167 10.02 6.63 14.76
C PRO B 167 10.07 8.15 14.64
N LYS B 168 11.18 8.65 14.11
CA LYS B 168 11.41 10.07 13.92
C LYS B 168 12.22 10.28 12.63
N VAL B 169 12.00 11.40 11.96
CA VAL B 169 12.73 11.68 10.72
C VAL B 169 14.18 12.09 11.01
N VAL B 170 15.10 11.39 10.36
CA VAL B 170 16.52 11.70 10.44
C VAL B 170 16.92 12.36 9.11
N ILE B 171 17.42 13.59 9.20
CA ILE B 171 17.88 14.33 8.03
C ILE B 171 19.39 14.41 8.07
N CYS B 172 20.03 13.83 7.06
CA CYS B 172 21.48 13.96 6.94
C CYS B 172 21.85 15.31 6.29
N LEU B 173 22.78 16.04 6.89
CA LEU B 173 23.25 17.29 6.30
C LEU B 173 24.69 17.10 5.85
N VAL B 174 24.86 16.93 4.55
CA VAL B 174 26.17 16.61 3.99
C VAL B 174 26.93 17.91 3.72
N ASN B 175 27.84 18.20 4.62
CA ASN B 175 28.54 19.49 4.68
C ASN B 175 29.91 19.40 4.02
N GLY B 176 30.28 18.21 3.57
CA GLY B 176 31.56 17.97 2.94
C GLY B 176 31.62 16.57 2.36
N TRP B 177 32.82 15.97 2.39
CA TRP B 177 33.00 14.61 1.91
C TRP B 177 32.08 13.59 2.59
N ALA B 178 31.39 12.79 1.79
CA ALA B 178 30.68 11.62 2.28
C ALA B 178 31.15 10.42 1.51
N ALA B 179 31.97 9.60 2.15
CA ALA B 179 32.66 8.53 1.45
C ALA B 179 32.57 7.23 2.23
N GLY B 180 32.59 6.11 1.51
CA GLY B 180 32.47 4.80 2.12
C GLY B 180 31.31 4.67 3.09
N GLY B 181 31.59 4.17 4.29
CA GLY B 181 30.60 4.07 5.35
C GLY B 181 29.86 5.37 5.58
N GLY B 182 30.56 6.49 5.38
CA GLY B 182 29.95 7.81 5.55
C GLY B 182 28.91 8.12 4.49
N HIS B 183 29.20 7.74 3.25
CA HIS B 183 28.20 7.80 2.20
C HIS B 183 26.96 6.92 2.51
N SER B 184 27.19 5.73 3.08
CA SER B 184 26.10 4.81 3.35
C SER B 184 25.17 5.33 4.45
N LEU B 185 25.74 6.03 5.43
CA LEU B 185 24.95 6.64 6.51
C LEU B 185 23.98 7.64 5.92
N HIS B 186 24.48 8.43 4.97
CA HIS B 186 23.65 9.39 4.27
C HIS B 186 22.53 8.72 3.49
N VAL B 187 22.84 7.62 2.82
CA VAL B 187 21.81 6.87 2.09
C VAL B 187 20.64 6.40 2.99
N VAL B 188 20.96 5.82 4.14
CA VAL B 188 19.94 5.25 5.03
C VAL B 188 19.07 6.30 5.71
N CYS B 189 19.56 7.53 5.81
CA CYS B 189 18.75 8.62 6.38
C CYS B 189 17.51 8.87 5.55
N ASP B 190 16.48 9.37 6.22
CA ASP B 190 15.19 9.60 5.57
C ASP B 190 15.31 10.69 4.51
N LEU B 191 16.01 11.76 4.86
CA LEU B 191 16.17 12.91 3.98
C LEU B 191 17.64 13.29 3.92
N THR B 192 18.08 13.87 2.80
CA THR B 192 19.44 14.42 2.72
C THR B 192 19.45 15.83 2.14
N LEU B 193 20.12 16.73 2.85
CA LEU B 193 20.40 18.08 2.35
C LEU B 193 21.92 18.24 2.23
N ALA B 194 22.37 18.90 1.16
CA ALA B 194 23.80 18.91 0.86
C ALA B 194 24.37 20.29 0.49
N SER B 195 25.56 20.58 1.02
CA SER B 195 26.30 21.79 0.73
C SER B 195 26.65 21.88 -0.75
N ARG B 196 26.19 22.94 -1.41
CA ARG B 196 26.48 23.17 -2.82
C ARG B 196 27.98 23.24 -3.07
N GLU B 197 28.70 23.99 -2.24
CA GLU B 197 30.12 24.20 -2.49
C GLU B 197 30.98 23.01 -2.11
N TYR B 198 30.64 22.34 -1.00
CA TYR B 198 31.57 21.40 -0.37
C TYR B 198 31.15 19.94 -0.29
N ALA B 199 29.87 19.64 -0.44
CA ALA B 199 29.45 18.23 -0.38
C ALA B 199 30.13 17.48 -1.50
N ARG B 200 30.71 16.32 -1.17
CA ARG B 200 31.30 15.42 -2.16
C ARG B 200 30.92 13.99 -1.81
N PHE B 201 30.23 13.33 -2.74
CA PHE B 201 29.76 11.98 -2.51
C PHE B 201 30.66 11.03 -3.29
N LYS B 202 31.24 10.06 -2.59
CA LYS B 202 32.13 9.12 -3.26
C LYS B 202 32.11 7.79 -2.56
N GLN B 203 31.60 6.78 -3.28
CA GLN B 203 31.54 5.43 -2.75
C GLN B 203 32.83 4.66 -3.03
N THR B 204 33.72 4.69 -2.06
CA THR B 204 35.07 4.14 -2.21
C THR B 204 35.21 2.69 -1.78
N ASP B 205 34.08 2.08 -1.39
CA ASP B 205 34.09 0.73 -0.82
C ASP B 205 34.91 -0.28 -1.65
N ALA B 206 34.65 -0.31 -2.96
CA ALA B 206 35.27 -1.34 -3.79
C ALA B 206 36.75 -1.03 -4.05
N ASP B 207 37.11 0.24 -3.90
CA ASP B 207 38.50 0.68 -3.95
C ASP B 207 39.35 0.01 -2.88
N VAL B 208 38.73 -0.24 -1.73
CA VAL B 208 39.48 -0.76 -0.59
C VAL B 208 39.12 -2.21 -0.27
N GLY B 209 38.46 -2.86 -1.23
CA GLY B 209 38.08 -4.25 -1.08
C GLY B 209 36.95 -4.49 -0.09
N SER B 210 36.26 -3.43 0.29
CA SER B 210 35.10 -3.56 1.16
C SER B 210 33.81 -3.37 0.36
N PHE B 211 32.68 -3.60 1.02
CA PHE B 211 31.38 -3.40 0.39
C PHE B 211 30.27 -3.31 1.42
N ASP B 212 29.34 -2.40 1.18
CA ASP B 212 28.11 -2.36 1.94
C ASP B 212 27.03 -2.99 1.07
N GLY B 213 26.67 -4.22 1.40
CA GLY B 213 25.71 -4.95 0.57
C GLY B 213 24.27 -4.79 1.01
N GLY B 214 24.01 -3.83 1.89
CA GLY B 214 22.68 -3.61 2.41
C GLY B 214 22.11 -2.22 2.13
N TYR B 215 22.00 -1.40 3.17
CA TYR B 215 21.39 -0.10 3.04
C TYR B 215 22.27 0.84 2.25
N GLY B 216 23.57 0.55 2.20
CA GLY B 216 24.50 1.38 1.47
C GLY B 216 24.32 1.34 -0.04
N SER B 217 24.11 0.13 -0.57
CA SER B 217 24.01 -0.09 -2.02
C SER B 217 22.57 -0.30 -2.49
N ALA B 218 21.99 -1.45 -2.09
CA ALA B 218 20.65 -1.81 -2.49
C ALA B 218 19.62 -0.72 -2.20
N TYR B 219 19.68 -0.13 -1.00
CA TYR B 219 18.74 0.94 -0.69
C TYR B 219 19.01 2.19 -1.54
N LEU B 220 20.26 2.42 -1.92
CA LEU B 220 20.58 3.54 -2.83
C LEU B 220 19.79 3.40 -4.12
N ALA B 221 19.64 2.15 -4.58
CA ALA B 221 18.91 1.86 -5.81
C ALA B 221 17.43 2.22 -5.73
N ARG B 222 16.87 2.23 -4.52
CA ARG B 222 15.48 2.63 -4.33
C ARG B 222 15.34 4.16 -4.28
N GLN B 223 16.46 4.85 -4.45
CA GLN B 223 16.47 6.31 -4.50
C GLN B 223 16.83 6.83 -5.90
N VAL B 224 17.88 6.27 -6.52
CA VAL B 224 18.34 6.77 -7.82
C VAL B 224 18.08 5.78 -8.97
N GLY B 225 17.53 4.62 -8.65
CA GLY B 225 17.29 3.61 -9.66
C GLY B 225 18.48 2.68 -9.77
N GLN B 226 18.26 1.52 -10.38
CA GLN B 226 19.31 0.50 -10.51
C GLN B 226 20.53 0.90 -11.35
N LYS B 227 20.32 1.64 -12.43
CA LYS B 227 21.47 2.03 -13.27
C LYS B 227 22.43 2.98 -12.55
N PHE B 228 21.91 4.04 -11.97
CA PHE B 228 22.75 5.02 -11.26
C PHE B 228 23.40 4.43 -10.01
N ALA B 229 22.63 3.67 -9.22
CA ALA B 229 23.21 3.08 -8.01
C ALA B 229 24.39 2.19 -8.38
N ARG B 230 24.25 1.42 -9.45
CA ARG B 230 25.32 0.51 -9.87
C ARG B 230 26.57 1.31 -10.28
N GLU B 231 26.36 2.36 -11.06
CA GLU B 231 27.43 3.25 -11.48
C GLU B 231 28.21 3.83 -10.30
N ILE B 232 27.48 4.38 -9.33
CA ILE B 232 28.07 4.99 -8.14
C ILE B 232 29.01 4.04 -7.40
N PHE B 233 28.60 2.76 -7.30
CA PHE B 233 29.38 1.74 -6.61
C PHE B 233 30.47 1.09 -7.48
N PHE B 234 30.13 0.74 -8.72
CA PHE B 234 31.12 0.09 -9.58
C PHE B 234 32.29 1.02 -9.98
N LEU B 235 32.01 2.29 -10.25
CA LEU B 235 33.08 3.22 -10.64
C LEU B 235 33.65 4.04 -9.48
N GLY B 236 32.87 4.22 -8.42
CA GLY B 236 33.34 4.98 -7.27
C GLY B 236 33.80 6.38 -7.64
N ARG B 237 33.11 7.03 -8.57
CA ARG B 237 33.43 8.42 -8.89
C ARG B 237 32.94 9.37 -7.83
N THR B 238 33.39 10.61 -7.93
CA THR B 238 33.04 11.65 -7.00
C THR B 238 31.93 12.51 -7.60
N TYR B 239 30.86 12.73 -6.84
CA TYR B 239 29.72 13.53 -7.31
C TYR B 239 29.49 14.75 -6.43
N THR B 240 28.91 15.77 -7.02
CA THR B 240 28.53 16.97 -6.28
C THR B 240 27.12 16.85 -5.70
N ALA B 241 26.77 17.80 -4.84
CA ALA B 241 25.41 17.95 -4.33
C ALA B 241 24.40 17.96 -5.48
N GLU B 242 24.65 18.80 -6.46
CA GLU B 242 23.69 19.01 -7.54
C GLU B 242 23.48 17.75 -8.37
N GLN B 243 24.56 17.03 -8.65
CA GLN B 243 24.47 15.75 -9.36
C GLN B 243 23.64 14.71 -8.60
N MET B 244 23.84 14.62 -7.30
CA MET B 244 23.13 13.63 -6.49
C MET B 244 21.65 14.00 -6.39
N HIS B 245 21.39 15.30 -6.37
CA HIS B 245 20.03 15.82 -6.35
C HIS B 245 19.29 15.45 -7.62
N GLN B 246 19.97 15.63 -8.75
CA GLN B 246 19.43 15.24 -10.04
C GLN B 246 19.23 13.71 -10.13
N MET B 247 20.11 12.94 -9.49
CA MET B 247 19.96 11.48 -9.51
C MET B 247 18.86 10.98 -8.56
N GLY B 248 18.61 11.71 -7.48
CA GLY B 248 17.52 11.41 -6.58
C GLY B 248 17.89 11.03 -5.17
N ALA B 249 19.18 11.12 -4.82
CA ALA B 249 19.62 10.74 -3.48
C ALA B 249 19.75 11.95 -2.54
N VAL B 250 19.74 13.13 -3.13
CA VAL B 250 19.77 14.35 -2.34
C VAL B 250 18.47 15.13 -2.54
N ASN B 251 17.81 15.50 -1.44
CA ASN B 251 16.51 16.15 -1.51
C ASN B 251 16.58 17.60 -1.98
N ALA B 252 17.59 18.33 -1.50
CA ALA B 252 17.78 19.71 -1.90
C ALA B 252 19.21 20.15 -1.69
N VAL B 253 19.64 21.10 -2.51
CA VAL B 253 20.99 21.64 -2.42
C VAL B 253 20.92 22.98 -1.70
N ALA B 254 21.81 23.21 -0.74
CA ALA B 254 21.84 24.48 -0.01
C ALA B 254 23.22 25.12 -0.02
N GLU B 255 23.26 26.45 0.06
CA GLU B 255 24.52 27.17 0.24
C GLU B 255 25.17 26.69 1.53
N HIS B 256 26.48 26.48 1.47
CA HIS B 256 27.20 25.92 2.60
C HIS B 256 26.82 26.60 3.92
N ALA B 257 26.87 27.93 3.94
CA ALA B 257 26.61 28.67 5.17
C ALA B 257 25.18 28.49 5.69
N GLU B 258 24.26 28.15 4.77
CA GLU B 258 22.85 28.00 5.13
C GLU B 258 22.40 26.53 5.27
N LEU B 259 23.35 25.59 5.26
CA LEU B 259 23.01 24.17 5.27
C LEU B 259 22.19 23.78 6.51
N GLU B 260 22.65 24.17 7.68
CA GLU B 260 21.95 23.85 8.92
C GLU B 260 20.73 24.73 9.12
N THR B 261 20.77 25.93 8.58
CA THR B 261 19.60 26.81 8.63
C THR B 261 18.45 26.17 7.86
N VAL B 262 18.75 25.64 6.68
CA VAL B 262 17.74 24.96 5.88
C VAL B 262 17.28 23.65 6.56
N GLY B 263 18.22 22.87 7.09
CA GLY B 263 17.89 21.68 7.84
C GLY B 263 16.89 21.99 8.94
N LEU B 264 17.12 23.10 9.65
CA LEU B 264 16.24 23.58 10.70
C LEU B 264 14.85 23.96 10.19
N GLN B 265 14.79 24.58 9.03
CA GLN B 265 13.50 24.90 8.42
C GLN B 265 12.74 23.62 8.03
N TRP B 266 13.44 22.67 7.43
CA TRP B 266 12.82 21.39 7.09
C TRP B 266 12.34 20.72 8.36
N ALA B 267 13.20 20.66 9.37
CA ALA B 267 12.81 20.06 10.65
C ALA B 267 11.53 20.67 11.22
N ALA B 268 11.39 21.99 11.07
CA ALA B 268 10.23 22.70 11.60
C ALA B 268 8.96 22.39 10.82
N GLU B 269 9.08 22.28 9.49
CA GLU B 269 7.94 21.91 8.67
C GLU B 269 7.47 20.49 9.01
N ILE B 270 8.44 19.61 9.29
CA ILE B 270 8.14 18.25 9.75
C ILE B 270 7.46 18.25 11.12
N ASN B 271 8.05 18.97 12.06
CA ASN B 271 7.57 19.01 13.45
C ASN B 271 6.19 19.67 13.61
N ALA B 272 5.77 20.45 12.62
CA ALA B 272 4.47 21.12 12.67
C ALA B 272 3.34 20.16 12.30
N LYS B 273 3.68 18.96 11.88
CA LYS B 273 2.67 18.00 11.45
C LYS B 273 2.31 17.05 12.59
N SER B 274 1.24 16.29 12.41
CA SER B 274 0.88 15.26 13.37
C SER B 274 2.04 14.28 13.53
N PRO B 275 2.60 14.18 14.74
CA PRO B 275 3.69 13.25 15.06
C PRO B 275 3.29 11.82 14.72
N GLN B 276 2.05 11.50 15.08
CA GLN B 276 1.46 10.19 14.87
C GLN B 276 1.47 9.80 13.39
N ALA B 277 0.92 10.68 12.57
CA ALA B 277 0.88 10.47 11.12
C ALA B 277 2.30 10.39 10.52
N GLN B 278 3.23 11.19 11.04
CA GLN B 278 4.61 11.17 10.56
C GLN B 278 5.27 9.82 10.83
N ARG B 279 5.04 9.27 12.02
CA ARG B 279 5.59 7.97 12.36
C ARG B 279 5.02 6.86 11.46
N MET B 280 3.70 6.83 11.32
CA MET B 280 3.06 5.86 10.45
C MET B 280 3.60 6.00 9.03
N LEU B 281 3.74 7.24 8.57
CA LEU B 281 4.28 7.47 7.24
C LEU B 281 5.68 6.87 7.05
N LYS B 282 6.59 7.13 7.98
CA LYS B 282 7.95 6.61 7.85
C LYS B 282 7.91 5.08 7.77
N PHE B 283 7.16 4.46 8.66
CA PHE B 283 7.09 3.02 8.68
C PHE B 283 6.41 2.47 7.41
N ALA B 284 5.46 3.22 6.87
CA ALA B 284 4.83 2.85 5.61
C ALA B 284 5.84 2.88 4.44
N PHE B 285 6.75 3.86 4.44
CA PHE B 285 7.78 3.95 3.40
C PHE B 285 8.78 2.81 3.55
N ASN B 286 9.15 2.53 4.80
CA ASN B 286 10.05 1.41 5.14
C ASN B 286 9.49 0.06 4.67
N LEU B 287 8.19 -0.16 4.93
CA LEU B 287 7.55 -1.45 4.69
C LEU B 287 7.67 -1.89 3.23
N LEU B 288 7.71 -0.93 2.32
CA LEU B 288 7.97 -1.25 0.90
C LEU B 288 9.11 -2.25 0.76
N ASP B 289 10.21 -2.02 1.47
CA ASP B 289 11.45 -2.76 1.24
C ASP B 289 11.92 -3.60 2.42
N ASP B 290 11.42 -3.31 3.62
CA ASP B 290 11.95 -3.98 4.82
C ASP B 290 11.26 -5.31 5.16
N GLY B 291 10.37 -5.77 4.30
CA GLY B 291 9.79 -7.10 4.49
C GLY B 291 9.13 -7.25 5.85
N LEU B 292 9.42 -8.36 6.53
CA LEU B 292 8.72 -8.71 7.77
C LEU B 292 9.12 -7.81 8.93
N VAL B 293 10.36 -7.33 8.91
CA VAL B 293 10.79 -6.39 9.92
C VAL B 293 10.01 -5.09 9.76
N GLY B 294 9.93 -4.61 8.53
CA GLY B 294 9.09 -3.46 8.22
C GLY B 294 7.65 -3.66 8.67
N GLN B 295 7.13 -4.86 8.43
CA GLN B 295 5.77 -5.17 8.88
C GLN B 295 5.68 -5.08 10.41
N GLN B 296 6.63 -5.71 11.10
CA GLN B 296 6.67 -5.65 12.56
C GLN B 296 6.59 -4.21 13.06
N LEU B 297 7.39 -3.32 12.49
CA LEU B 297 7.39 -1.94 12.94
C LEU B 297 6.11 -1.18 12.61
N PHE B 298 5.60 -1.31 11.38
CA PHE B 298 4.38 -0.64 11.01
C PHE B 298 3.19 -1.18 11.83
N ALA B 299 3.12 -2.50 11.97
CA ALA B 299 2.04 -3.11 12.74
C ALA B 299 2.17 -2.75 14.20
N GLY B 300 3.42 -2.64 14.66
CA GLY B 300 3.69 -2.21 16.01
C GLY B 300 3.05 -0.87 16.30
N GLU B 301 3.17 0.08 15.37
CA GLU B 301 2.56 1.39 15.53
C GLU B 301 1.03 1.31 15.50
N ALA B 302 0.50 0.45 14.64
CA ALA B 302 -0.93 0.23 14.56
C ALA B 302 -1.47 -0.40 15.87
N THR B 303 -0.67 -1.24 16.51
CA THR B 303 -1.07 -1.82 17.79
C THR B 303 -1.16 -0.73 18.85
N ARG B 304 -0.21 0.20 18.83
CA ARG B 304 -0.23 1.32 19.76
C ARG B 304 -1.53 2.14 19.61
N LEU B 305 -1.91 2.42 18.38
CA LEU B 305 -3.21 3.05 18.10
C LEU B 305 -4.38 2.23 18.68
N ALA B 306 -4.39 0.93 18.43
CA ALA B 306 -5.47 0.07 18.93
C ALA B 306 -5.62 0.17 20.45
N TYR B 307 -4.49 0.20 21.15
CA TYR B 307 -4.48 0.22 22.62
C TYR B 307 -5.21 1.45 23.18
N MET B 308 -5.48 2.42 22.31
CA MET B 308 -6.11 3.66 22.73
C MET B 308 -7.63 3.67 22.58
N THR B 309 -8.17 2.73 21.80
CA THR B 309 -9.61 2.69 21.56
C THR B 309 -10.41 2.10 22.72
N ASP B 310 -11.70 2.43 22.76
CA ASP B 310 -12.59 1.89 23.79
C ASP B 310 -12.66 0.38 23.67
N GLU B 311 -12.55 -0.12 22.44
CA GLU B 311 -12.62 -1.56 22.19
C GLU B 311 -11.48 -2.32 22.86
N ALA B 312 -10.31 -1.68 22.96
CA ALA B 312 -9.18 -2.30 23.63
C ALA B 312 -9.27 -2.16 25.15
N VAL B 313 -9.91 -1.09 25.61
CA VAL B 313 -10.12 -0.88 27.04
C VAL B 313 -11.11 -1.90 27.59
N GLU B 314 -12.16 -2.18 26.82
CA GLU B 314 -13.11 -3.24 27.17
C GLU B 314 -12.41 -4.60 27.24
N GLY B 315 -11.48 -4.84 26.32
CA GLY B 315 -10.74 -6.09 26.30
C GLY B 315 -9.95 -6.34 27.57
N ARG B 316 -9.18 -5.35 28.00
CA ARG B 316 -8.37 -5.44 29.21
C ARG B 316 -9.23 -5.38 30.48
N ASP B 317 -10.30 -4.61 30.45
CA ASP B 317 -11.23 -4.54 31.57
C ASP B 317 -11.78 -5.93 31.86
N ALA B 318 -12.29 -6.58 30.81
CA ALA B 318 -12.85 -7.93 30.94
C ALA B 318 -11.89 -8.88 31.64
N PHE B 319 -10.69 -9.04 31.08
CA PHE B 319 -9.69 -9.93 31.66
C PHE B 319 -9.49 -9.68 33.15
N LEU B 320 -9.36 -8.41 33.52
CA LEU B 320 -9.20 -8.02 34.92
C LEU B 320 -10.48 -8.25 35.71
CA ARG B 323 -15.63 -11.50 33.25
C ARG B 323 -15.48 -11.49 31.73
N PRO B 324 -16.56 -11.88 31.02
CA PRO B 324 -16.58 -11.90 29.55
C PRO B 324 -16.53 -10.50 28.94
N PRO B 325 -15.82 -10.33 27.81
CA PRO B 325 -15.79 -9.06 27.09
C PRO B 325 -17.10 -8.82 26.34
N ASP B 326 -17.52 -7.56 26.25
CA ASP B 326 -18.68 -7.20 25.45
C ASP B 326 -18.27 -6.37 24.23
N TRP B 327 -18.46 -6.94 23.04
CA TRP B 327 -18.08 -6.24 21.80
C TRP B 327 -19.30 -5.62 21.09
N SER B 328 -20.44 -5.62 21.75
CA SER B 328 -21.68 -5.11 21.17
C SER B 328 -21.57 -3.67 20.66
N PRO B 329 -21.02 -2.77 21.47
CA PRO B 329 -20.90 -1.35 21.11
C PRO B 329 -19.97 -1.09 19.92
N PHE B 330 -19.18 -2.10 19.53
CA PHE B 330 -18.12 -1.89 18.53
C PHE B 330 -18.45 -2.52 17.18
N PRO B 331 -18.57 -1.68 16.15
CA PRO B 331 -19.03 -2.06 14.80
C PRO B 331 -18.01 -2.89 14.02
N ARG B 332 -18.53 -3.62 13.04
CA ARG B 332 -17.68 -4.36 12.12
C ARG B 332 -17.41 -3.50 10.89
N TYR B 333 -16.58 -2.48 11.09
CA TYR B 333 -16.27 -1.51 10.05
C TYR B 333 -15.84 -2.22 8.76
N PHE B 334 -16.01 -1.54 7.64
CA PHE B 334 -15.59 -2.08 6.35
C PHE B 334 -15.25 -0.94 5.39
C SER C 36 -10.56 28.96 -23.19
N ASP C 37 -9.24 28.82 -23.06
CA ASP C 37 -8.59 28.79 -21.75
C ASP C 37 -8.89 27.49 -21.02
N ASN C 38 -10.09 26.95 -21.25
CA ASN C 38 -10.53 25.73 -20.57
C ASN C 38 -10.09 24.46 -21.30
N PRO C 39 -9.62 23.46 -20.56
CA PRO C 39 -9.09 22.21 -21.15
C PRO C 39 -10.16 21.37 -21.86
N PHE C 40 -11.40 21.52 -21.43
CA PHE C 40 -12.52 20.72 -21.96
C PHE C 40 -13.02 21.22 -23.31
N ASP C 41 -12.95 20.34 -24.31
CA ASP C 41 -13.56 20.61 -25.60
C ASP C 41 -14.95 19.97 -25.64
N ALA C 42 -15.98 20.77 -25.37
CA ALA C 42 -17.36 20.28 -25.29
C ALA C 42 -17.80 19.58 -26.58
N LYS C 43 -17.31 20.06 -27.71
CA LYS C 43 -17.65 19.47 -29.00
C LYS C 43 -17.11 18.04 -29.12
N ALA C 44 -16.02 17.77 -28.42
CA ALA C 44 -15.34 16.49 -28.54
C ALA C 44 -15.98 15.35 -27.72
N TRP C 45 -16.85 15.68 -26.77
CA TRP C 45 -17.37 14.69 -25.83
C TRP C 45 -18.89 14.56 -25.83
N ARG C 46 -19.36 13.33 -25.59
CA ARG C 46 -20.79 13.05 -25.48
C ARG C 46 -21.07 12.36 -24.17
N LEU C 47 -22.18 12.72 -23.53
CA LEU C 47 -22.54 12.11 -22.27
C LEU C 47 -22.78 10.61 -22.42
N VAL C 48 -22.49 9.86 -21.37
CA VAL C 48 -22.70 8.41 -21.39
C VAL C 48 -24.11 8.10 -20.95
N ASP C 49 -24.78 7.22 -21.70
CA ASP C 49 -26.15 6.83 -21.35
C ASP C 49 -26.21 6.06 -20.04
N GLY C 50 -27.17 6.44 -19.20
CA GLY C 50 -27.41 5.75 -17.95
C GLY C 50 -26.82 6.49 -16.77
N PHE C 51 -26.39 7.72 -17.00
CA PHE C 51 -25.70 8.49 -15.97
C PHE C 51 -26.20 9.93 -15.86
N ASP C 52 -27.45 10.16 -16.27
CA ASP C 52 -28.04 11.49 -16.23
C ASP C 52 -28.15 12.01 -14.79
N ASP C 53 -28.15 11.09 -13.83
CA ASP C 53 -28.35 11.45 -12.42
C ASP C 53 -27.07 11.84 -11.67
N LEU C 54 -25.93 11.82 -12.36
CA LEU C 54 -24.66 12.11 -11.68
C LEU C 54 -24.61 13.55 -11.20
N THR C 55 -24.19 13.74 -9.95
CA THR C 55 -24.15 15.08 -9.36
C THR C 55 -22.75 15.55 -8.97
N ASP C 56 -21.86 14.61 -8.62
CA ASP C 56 -20.52 14.97 -8.14
C ASP C 56 -19.43 14.66 -9.16
N ILE C 57 -19.84 14.05 -10.28
CA ILE C 57 -18.92 13.51 -11.27
C ILE C 57 -19.51 13.65 -12.66
N THR C 58 -18.65 13.87 -13.65
CA THR C 58 -19.09 13.87 -15.04
C THR C 58 -18.43 12.72 -15.80
N TYR C 59 -19.17 12.15 -16.75
CA TYR C 59 -18.74 10.95 -17.44
C TYR C 59 -19.04 11.09 -18.93
N HIS C 60 -17.98 11.25 -19.73
CA HIS C 60 -18.13 11.45 -21.16
C HIS C 60 -17.41 10.37 -21.95
N ARG C 61 -17.91 10.12 -23.15
CA ARG C 61 -17.24 9.25 -24.09
C ARG C 61 -16.85 10.11 -25.27
N HIS C 62 -15.66 9.88 -25.82
CA HIS C 62 -15.18 10.64 -26.94
C HIS C 62 -16.02 10.33 -28.17
N VAL C 63 -16.26 11.34 -29.00
CA VAL C 63 -17.13 11.16 -30.16
C VAL C 63 -16.62 10.12 -31.15
N ASP C 64 -15.30 9.96 -31.24
CA ASP C 64 -14.70 9.03 -32.19
C ASP C 64 -13.82 8.00 -31.50
N ASP C 65 -13.15 8.41 -30.43
CA ASP C 65 -12.10 7.60 -29.83
C ASP C 65 -12.59 6.65 -28.73
N ALA C 66 -11.89 5.53 -28.57
CA ALA C 66 -12.16 4.58 -27.50
C ALA C 66 -11.62 5.09 -26.16
N THR C 67 -12.06 6.28 -25.78
CA THR C 67 -11.55 6.96 -24.61
C THR C 67 -12.72 7.59 -23.87
N VAL C 68 -12.71 7.53 -22.54
CA VAL C 68 -13.73 8.20 -21.74
C VAL C 68 -13.07 9.23 -20.83
N ARG C 69 -13.88 10.18 -20.37
CA ARG C 69 -13.40 11.25 -19.50
C ARG C 69 -14.21 11.20 -18.23
N VAL C 70 -13.53 10.99 -17.10
CA VAL C 70 -14.20 10.95 -15.81
C VAL C 70 -13.65 12.08 -14.98
N ALA C 71 -14.54 12.90 -14.43
CA ALA C 71 -14.09 14.12 -13.78
C ALA C 71 -14.86 14.46 -12.52
N PHE C 72 -14.15 15.01 -11.54
CA PHE C 72 -14.79 15.53 -10.35
C PHE C 72 -15.58 16.77 -10.72
N ASN C 73 -16.84 16.80 -10.30
CA ASN C 73 -17.72 17.90 -10.66
C ASN C 73 -18.12 18.70 -9.44
N ARG C 74 -17.14 19.16 -8.68
CA ARG C 74 -17.41 20.04 -7.54
C ARG C 74 -16.39 21.18 -7.44
N PRO C 75 -16.18 21.90 -8.55
CA PRO C 75 -15.19 22.98 -8.59
C PRO C 75 -15.42 23.92 -7.43
N GLU C 76 -16.68 24.00 -7.00
CA GLU C 76 -17.10 24.89 -5.94
C GLU C 76 -16.36 24.64 -4.62
N VAL C 77 -16.05 23.38 -4.33
CA VAL C 77 -15.30 23.05 -3.12
C VAL C 77 -13.91 22.50 -3.47
N ARG C 78 -13.32 23.02 -4.55
CA ARG C 78 -12.03 22.57 -5.05
C ARG C 78 -12.01 21.08 -5.37
N ASN C 79 -13.14 20.59 -5.85
CA ASN C 79 -13.30 19.19 -6.23
C ASN C 79 -12.97 18.22 -5.11
N ALA C 80 -13.20 18.65 -3.88
CA ALA C 80 -13.12 17.76 -2.73
C ALA C 80 -14.19 16.69 -2.88
N PHE C 81 -13.89 15.46 -2.48
CA PHE C 81 -14.88 14.38 -2.57
C PHE C 81 -15.54 14.07 -1.23
N ARG C 82 -16.85 13.83 -1.29
CA ARG C 82 -17.61 13.29 -0.16
C ARG C 82 -17.98 11.85 -0.49
N PRO C 83 -18.48 11.10 0.50
CA PRO C 83 -18.83 9.69 0.28
C PRO C 83 -19.64 9.47 -0.99
N HIS C 84 -20.56 10.39 -1.28
CA HIS C 84 -21.39 10.27 -2.47
C HIS C 84 -20.58 10.44 -3.74
N THR C 85 -19.54 11.28 -3.67
CA THR C 85 -18.62 11.45 -4.80
C THR C 85 -17.91 10.14 -5.09
N VAL C 86 -17.38 9.50 -4.04
CA VAL C 86 -16.70 8.23 -4.17
C VAL C 86 -17.60 7.18 -4.81
N ASP C 87 -18.83 7.08 -4.30
CA ASP C 87 -19.83 6.17 -4.87
C ASP C 87 -19.93 6.37 -6.36
N GLU C 88 -20.11 7.63 -6.77
CA GLU C 88 -20.24 7.94 -8.20
C GLU C 88 -18.96 7.62 -8.98
N LEU C 89 -17.82 8.01 -8.41
CA LEU C 89 -16.54 7.76 -9.07
C LEU C 89 -16.40 6.27 -9.34
N TYR C 90 -16.71 5.46 -8.34
CA TYR C 90 -16.58 4.01 -8.46
C TYR C 90 -17.52 3.44 -9.52
N ARG C 91 -18.78 3.87 -9.49
CA ARG C 91 -19.76 3.43 -10.49
C ARG C 91 -19.23 3.74 -11.87
N VAL C 92 -18.91 5.01 -12.10
CA VAL C 92 -18.41 5.44 -13.40
C VAL C 92 -17.19 4.64 -13.84
N LEU C 93 -16.17 4.58 -13.00
CA LEU C 93 -14.95 3.82 -13.32
C LEU C 93 -15.24 2.34 -13.57
N ASP C 94 -16.11 1.75 -12.76
CA ASP C 94 -16.47 0.35 -12.93
C ASP C 94 -17.12 0.14 -14.31
N HIS C 95 -18.11 0.97 -14.61
CA HIS C 95 -18.75 0.95 -15.91
C HIS C 95 -17.73 1.09 -17.04
N ALA C 96 -16.80 2.02 -16.89
CA ALA C 96 -15.75 2.17 -17.90
C ALA C 96 -14.91 0.91 -18.03
N ARG C 97 -14.54 0.30 -16.90
CA ARG C 97 -13.76 -0.92 -16.90
C ARG C 97 -14.46 -2.02 -17.68
N MET C 98 -15.78 -2.12 -17.52
CA MET C 98 -16.53 -3.19 -18.16
C MET C 98 -16.91 -2.90 -19.61
N SER C 99 -16.71 -1.67 -20.08
CA SER C 99 -17.06 -1.31 -21.46
C SER C 99 -16.02 -1.82 -22.45
N PRO C 100 -16.40 -2.83 -23.24
CA PRO C 100 -15.46 -3.50 -24.15
C PRO C 100 -14.90 -2.59 -25.23
N ASP C 101 -15.55 -1.46 -25.49
CA ASP C 101 -15.11 -0.55 -26.55
C ASP C 101 -14.37 0.69 -26.02
N VAL C 102 -14.00 0.65 -24.74
CA VAL C 102 -13.23 1.73 -24.13
C VAL C 102 -11.85 1.21 -23.71
N GLY C 103 -10.79 1.86 -24.17
CA GLY C 103 -9.45 1.38 -23.88
C GLY C 103 -8.68 2.22 -22.89
N VAL C 104 -9.05 3.49 -22.78
CA VAL C 104 -8.35 4.41 -21.91
C VAL C 104 -9.30 5.31 -21.15
N VAL C 105 -9.04 5.46 -19.86
CA VAL C 105 -9.78 6.41 -19.05
C VAL C 105 -8.93 7.66 -18.81
N LEU C 106 -9.53 8.82 -19.01
CA LEU C 106 -8.87 10.06 -18.62
C LEU C 106 -9.57 10.57 -17.37
N LEU C 107 -8.82 10.65 -16.27
CA LEU C 107 -9.38 11.07 -14.99
C LEU C 107 -8.92 12.48 -14.66
N THR C 108 -9.86 13.38 -14.43
CA THR C 108 -9.52 14.78 -14.22
C THR C 108 -10.50 15.50 -13.33
N GLY C 109 -10.40 16.83 -13.29
CA GLY C 109 -11.32 17.64 -12.51
C GLY C 109 -11.89 18.76 -13.38
N ASN C 110 -13.16 19.07 -13.19
CA ASN C 110 -13.79 20.17 -13.92
C ASN C 110 -13.48 21.49 -13.22
N GLY C 111 -13.58 22.58 -13.97
CA GLY C 111 -13.37 23.92 -13.41
C GLY C 111 -13.63 24.99 -14.46
N PRO C 112 -13.27 26.25 -14.14
CA PRO C 112 -12.69 26.65 -12.86
C PRO C 112 -13.75 26.73 -11.78
N SER C 113 -13.34 27.05 -10.56
CA SER C 113 -14.29 27.26 -9.48
C SER C 113 -15.13 28.48 -9.83
N PRO C 114 -16.46 28.33 -9.77
CA PRO C 114 -17.32 29.48 -10.09
C PRO C 114 -17.16 30.58 -9.05
N LYS C 115 -16.62 30.22 -7.89
CA LYS C 115 -16.50 31.16 -6.77
C LYS C 115 -15.30 32.09 -6.88
N ASP C 116 -14.19 31.60 -7.45
CA ASP C 116 -12.97 32.40 -7.51
C ASP C 116 -12.12 32.13 -8.75
N GLY C 117 -12.58 31.22 -9.61
CA GLY C 117 -11.85 30.91 -10.83
C GLY C 117 -10.59 30.09 -10.61
N GLY C 118 -10.47 29.51 -9.42
CA GLY C 118 -9.32 28.67 -9.09
C GLY C 118 -9.47 27.23 -9.57
N TRP C 119 -8.40 26.69 -10.11
CA TRP C 119 -8.42 25.34 -10.69
C TRP C 119 -8.06 24.24 -9.68
N ALA C 120 -8.75 23.11 -9.79
CA ALA C 120 -8.50 21.99 -8.89
C ALA C 120 -8.83 20.68 -9.59
N PHE C 121 -7.90 19.73 -9.54
CA PHE C 121 -8.19 18.38 -9.99
C PHE C 121 -9.07 17.72 -8.94
N CYS C 122 -8.57 17.69 -7.71
CA CYS C 122 -9.29 17.14 -6.58
C CYS C 122 -8.51 17.43 -5.32
N SER C 123 -9.17 17.97 -4.30
CA SER C 123 -8.45 18.41 -3.11
C SER C 123 -8.56 17.41 -1.96
N GLY C 124 -9.04 16.21 -2.26
CA GLY C 124 -9.13 15.17 -1.25
C GLY C 124 -10.47 15.06 -0.57
N GLY C 125 -10.49 14.46 0.61
CA GLY C 125 -11.71 14.29 1.37
C GLY C 125 -12.29 15.59 1.90
N ASP C 126 -13.62 15.68 1.85
CA ASP C 126 -14.35 16.85 2.32
C ASP C 126 -14.23 16.99 3.84
N GLN C 127 -13.52 18.02 4.29
CA GLN C 127 -13.36 18.28 5.72
C GLN C 127 -14.68 18.66 6.37
N ARG C 128 -15.64 19.10 5.56
CA ARG C 128 -16.96 19.47 6.05
C ARG C 128 -17.68 18.26 6.64
N LEU C 154 -14.01 4.00 4.05
CA LEU C 154 -12.76 4.18 3.32
C LEU C 154 -12.94 3.82 1.85
N HIS C 155 -14.11 4.16 1.31
CA HIS C 155 -14.49 3.80 -0.06
C HIS C 155 -13.42 4.22 -1.10
N ILE C 156 -12.70 5.32 -0.84
CA ILE C 156 -11.71 5.79 -1.79
C ILE C 156 -10.65 4.71 -2.06
N LEU C 157 -10.28 3.96 -1.03
CA LEU C 157 -9.32 2.88 -1.18
C LEU C 157 -9.80 1.84 -2.19
N GLU C 158 -11.12 1.65 -2.25
CA GLU C 158 -11.70 0.72 -3.23
C GLU C 158 -11.57 1.26 -4.64
N VAL C 159 -11.60 2.58 -4.77
CA VAL C 159 -11.42 3.23 -6.06
C VAL C 159 -9.96 3.13 -6.51
N GLN C 160 -9.04 3.25 -5.57
CA GLN C 160 -7.63 3.01 -5.89
C GLN C 160 -7.44 1.64 -6.52
N ARG C 161 -7.98 0.60 -5.88
CA ARG C 161 -7.83 -0.77 -6.38
C ARG C 161 -8.50 -0.94 -7.74
N LEU C 162 -9.62 -0.26 -7.93
CA LEU C 162 -10.35 -0.31 -9.19
C LEU C 162 -9.45 0.20 -10.31
N ILE C 163 -8.82 1.34 -10.06
CA ILE C 163 -7.87 1.92 -10.99
C ILE C 163 -6.66 0.99 -11.15
N ARG C 164 -6.14 0.52 -10.02
CA ARG C 164 -4.99 -0.38 -10.04
C ARG C 164 -5.24 -1.65 -10.85
N PHE C 165 -6.42 -2.25 -10.69
CA PHE C 165 -6.68 -3.59 -11.23
C PHE C 165 -7.31 -3.66 -12.62
N MET C 166 -7.95 -2.59 -13.06
CA MET C 166 -8.66 -2.67 -14.34
C MET C 166 -7.65 -2.82 -15.48
N PRO C 167 -7.99 -3.68 -16.44
CA PRO C 167 -7.10 -4.06 -17.54
C PRO C 167 -7.07 -2.97 -18.60
N LYS C 168 -6.97 -1.72 -18.15
CA LYS C 168 -6.95 -0.58 -19.05
C LYS C 168 -6.10 0.50 -18.44
N VAL C 169 -5.47 1.30 -19.30
CA VAL C 169 -4.59 2.36 -18.84
C VAL C 169 -5.39 3.53 -18.35
N VAL C 170 -5.11 3.97 -17.13
CA VAL C 170 -5.77 5.15 -16.56
C VAL C 170 -4.79 6.33 -16.49
N ILE C 171 -5.13 7.40 -17.21
CA ILE C 171 -4.30 8.60 -17.23
C ILE C 171 -4.92 9.70 -16.40
N CYS C 172 -4.19 10.18 -15.40
CA CYS C 172 -4.66 11.30 -14.60
C CYS C 172 -4.26 12.63 -15.27
N LEU C 173 -5.21 13.54 -15.42
CA LEU C 173 -4.92 14.85 -15.98
C LEU C 173 -5.05 15.90 -14.89
N VAL C 174 -3.93 16.27 -14.30
CA VAL C 174 -3.98 17.19 -13.17
C VAL C 174 -4.08 18.63 -13.65
N ASN C 175 -5.30 19.15 -13.64
CA ASN C 175 -5.62 20.45 -14.20
C ASN C 175 -5.53 21.52 -13.15
N GLY C 176 -5.22 21.13 -11.92
CA GLY C 176 -5.17 22.09 -10.83
C GLY C 176 -4.64 21.48 -9.55
N TRP C 177 -5.13 21.98 -8.42
CA TRP C 177 -4.74 21.43 -7.13
C TRP C 177 -4.97 19.93 -7.05
N ALA C 178 -3.94 19.19 -6.67
CA ALA C 178 -4.08 17.78 -6.34
C ALA C 178 -3.53 17.61 -4.94
N ALA C 179 -4.42 17.54 -3.96
CA ALA C 179 -4.02 17.55 -2.56
C ALA C 179 -4.64 16.38 -1.80
N GLY C 180 -3.95 15.92 -0.76
CA GLY C 180 -4.43 14.80 0.03
C GLY C 180 -4.81 13.62 -0.84
N GLY C 181 -5.99 13.05 -0.59
CA GLY C 181 -6.47 11.90 -1.34
C GLY C 181 -6.52 12.12 -2.84
N GLY C 182 -6.65 13.36 -3.27
CA GLY C 182 -6.66 13.67 -4.68
C GLY C 182 -5.27 13.51 -5.27
N HIS C 183 -4.26 13.87 -4.48
CA HIS C 183 -2.87 13.59 -4.82
C HIS C 183 -2.67 12.06 -4.90
N SER C 184 -3.24 11.34 -3.95
CA SER C 184 -3.09 9.89 -3.94
C SER C 184 -3.77 9.25 -5.13
N LEU C 185 -4.88 9.82 -5.56
CA LEU C 185 -5.54 9.32 -6.75
C LEU C 185 -4.60 9.41 -7.95
N HIS C 186 -3.97 10.58 -8.11
CA HIS C 186 -2.99 10.78 -9.16
C HIS C 186 -1.83 9.77 -9.11
N VAL C 187 -1.29 9.55 -7.92
CA VAL C 187 -0.19 8.60 -7.75
C VAL C 187 -0.54 7.19 -8.26
N VAL C 188 -1.73 6.70 -7.93
CA VAL C 188 -2.13 5.34 -8.29
C VAL C 188 -2.42 5.16 -9.78
N CYS C 189 -2.76 6.23 -10.47
CA CYS C 189 -2.99 6.16 -11.92
C CYS C 189 -1.74 5.71 -12.67
N ASP C 190 -1.94 5.07 -13.82
CA ASP C 190 -0.84 4.53 -14.62
C ASP C 190 0.09 5.61 -15.17
N LEU C 191 -0.49 6.72 -15.62
CA LEU C 191 0.25 7.81 -16.22
C LEU C 191 -0.30 9.10 -15.68
N THR C 192 0.52 10.15 -15.63
CA THR C 192 0.02 11.47 -15.22
C THR C 192 0.52 12.56 -16.14
N LEU C 193 -0.42 13.35 -16.65
CA LEU C 193 -0.07 14.56 -17.40
C LEU C 193 -0.57 15.75 -16.59
N ALA C 194 0.21 16.83 -16.55
CA ALA C 194 -0.14 17.94 -15.68
C ALA C 194 -0.06 19.33 -16.33
N SER C 195 -0.94 20.22 -15.86
CA SER C 195 -1.05 21.57 -16.35
C SER C 195 0.11 22.44 -15.88
N ARG C 196 0.90 22.94 -16.83
CA ARG C 196 2.03 23.80 -16.50
C ARG C 196 1.63 24.94 -15.57
N GLU C 197 0.57 25.64 -15.92
CA GLU C 197 0.17 26.84 -15.19
C GLU C 197 -0.49 26.54 -13.86
N TYR C 198 -1.41 25.58 -13.82
CA TYR C 198 -2.29 25.45 -12.65
C TYR C 198 -2.15 24.18 -11.78
N ALA C 199 -1.49 23.14 -12.29
CA ALA C 199 -1.34 21.94 -11.48
C ALA C 199 -0.49 22.27 -10.25
N ARG C 200 -1.00 21.92 -9.08
CA ARG C 200 -0.26 22.10 -7.84
C ARG C 200 -0.35 20.79 -7.06
N PHE C 201 0.81 20.23 -6.75
CA PHE C 201 0.84 18.95 -6.07
C PHE C 201 1.17 19.20 -4.62
N LYS C 202 0.32 18.72 -3.72
CA LYS C 202 0.53 18.95 -2.29
C LYS C 202 -0.07 17.83 -1.44
N GLN C 203 0.80 17.17 -0.69
CA GLN C 203 0.35 16.09 0.16
C GLN C 203 0.13 16.59 1.58
N THR C 204 -1.14 16.84 1.90
CA THR C 204 -1.51 17.51 3.14
C THR C 204 -1.89 16.56 4.28
N ASP C 205 -1.84 15.26 4.02
CA ASP C 205 -2.30 14.24 4.98
C ASP C 205 -1.85 14.52 6.42
N ALA C 206 -0.54 14.57 6.64
CA ALA C 206 -0.02 14.71 8.00
C ALA C 206 -0.43 16.02 8.68
N ASP C 207 -0.71 17.05 7.88
CA ASP C 207 -1.24 18.31 8.39
C ASP C 207 -2.56 18.10 9.14
N VAL C 208 -3.40 17.20 8.62
CA VAL C 208 -4.71 16.95 9.23
C VAL C 208 -4.70 15.70 10.11
N GLY C 209 -3.52 15.13 10.34
CA GLY C 209 -3.37 13.98 11.21
C GLY C 209 -3.76 12.65 10.58
N SER C 210 -3.98 12.66 9.27
CA SER C 210 -4.30 11.46 8.51
C SER C 210 -3.10 11.02 7.68
N PHE C 211 -3.21 9.85 7.06
CA PHE C 211 -2.15 9.36 6.19
C PHE C 211 -2.69 8.31 5.22
N ASP C 212 -2.12 8.29 4.03
CA ASP C 212 -2.32 7.18 3.12
C ASP C 212 -1.05 6.33 3.19
N GLY C 213 -1.16 5.15 3.78
CA GLY C 213 0.00 4.30 3.98
C GLY C 213 0.18 3.28 2.88
N GLY C 214 -0.58 3.43 1.80
CA GLY C 214 -0.53 2.48 0.71
C GLY C 214 -0.08 3.01 -0.63
N TYR C 215 -1.02 3.10 -1.56
CA TYR C 215 -0.69 3.58 -2.87
C TYR C 215 -0.38 5.07 -2.90
N GLY C 216 -0.79 5.80 -1.87
CA GLY C 216 -0.55 7.24 -1.85
C GLY C 216 0.90 7.57 -1.56
N SER C 217 1.52 6.79 -0.68
CA SER C 217 2.85 7.06 -0.19
C SER C 217 3.89 6.08 -0.71
N ALA C 218 3.74 4.81 -0.35
CA ALA C 218 4.68 3.78 -0.75
C ALA C 218 4.81 3.67 -2.27
N TYR C 219 3.71 3.74 -2.99
CA TYR C 219 3.77 3.62 -4.44
C TYR C 219 4.42 4.87 -5.07
N LEU C 220 4.24 6.02 -4.43
CA LEU C 220 4.88 7.22 -4.91
C LEU C 220 6.40 7.01 -4.94
N ALA C 221 6.93 6.35 -3.90
CA ALA C 221 8.35 6.01 -3.84
C ALA C 221 8.83 5.15 -5.00
N ARG C 222 7.93 4.40 -5.64
CA ARG C 222 8.29 3.60 -6.79
C ARG C 222 8.23 4.45 -8.06
N GLN C 223 7.94 5.73 -7.88
CA GLN C 223 7.93 6.69 -8.99
C GLN C 223 9.04 7.72 -8.86
N VAL C 224 9.24 8.26 -7.65
CA VAL C 224 10.23 9.32 -7.46
C VAL C 224 11.41 8.89 -6.62
N GLY C 225 11.37 7.68 -6.09
CA GLY C 225 12.41 7.23 -5.19
C GLY C 225 12.07 7.55 -3.75
N GLN C 226 12.76 6.87 -2.83
CA GLN C 226 12.49 6.97 -1.40
C GLN C 226 12.78 8.35 -0.79
N LYS C 227 13.86 9.00 -1.22
CA LYS C 227 14.18 10.33 -0.67
C LYS C 227 13.08 11.34 -1.01
N PHE C 228 12.77 11.47 -2.30
CA PHE C 228 11.73 12.42 -2.73
C PHE C 228 10.33 12.10 -2.17
N ALA C 229 9.96 10.82 -2.15
CA ALA C 229 8.63 10.45 -1.67
C ALA C 229 8.47 10.86 -0.20
N ARG C 230 9.52 10.60 0.58
CA ARG C 230 9.51 10.94 2.01
C ARG C 230 9.41 12.46 2.22
N GLU C 231 10.11 13.21 1.39
CA GLU C 231 10.06 14.66 1.44
C GLU C 231 8.65 15.17 1.16
N ILE C 232 8.05 14.65 0.10
CA ILE C 232 6.73 15.08 -0.32
C ILE C 232 5.72 14.95 0.83
N PHE C 233 5.78 13.82 1.54
CA PHE C 233 4.88 13.57 2.66
C PHE C 233 5.31 14.22 3.98
N PHE C 234 6.59 14.10 4.34
CA PHE C 234 7.05 14.62 5.64
C PHE C 234 6.93 16.15 5.73
N LEU C 235 7.14 16.86 4.61
CA LEU C 235 7.05 18.33 4.62
C LEU C 235 5.72 18.85 4.10
N GLY C 236 5.06 18.10 3.23
CA GLY C 236 3.78 18.51 2.68
C GLY C 236 3.84 19.83 1.91
N ARG C 237 4.95 20.07 1.22
CA ARG C 237 5.09 21.29 0.43
C ARG C 237 4.34 21.24 -0.89
N THR C 238 4.19 22.40 -1.52
CA THR C 238 3.50 22.54 -2.78
C THR C 238 4.50 22.50 -3.93
N TYR C 239 4.25 21.63 -4.90
CA TYR C 239 5.14 21.46 -6.04
C TYR C 239 4.36 21.74 -7.32
N THR C 240 5.09 22.19 -8.33
CA THR C 240 4.52 22.43 -9.65
C THR C 240 4.58 21.18 -10.52
N ALA C 241 3.94 21.28 -11.68
CA ALA C 241 3.96 20.24 -12.70
C ALA C 241 5.40 19.87 -13.09
N GLU C 242 6.24 20.89 -13.31
CA GLU C 242 7.60 20.67 -13.77
C GLU C 242 8.48 20.00 -12.71
N GLN C 243 8.33 20.42 -11.47
CA GLN C 243 9.06 19.78 -10.38
C GLN C 243 8.72 18.29 -10.28
N MET C 244 7.43 17.97 -10.24
CA MET C 244 6.98 16.59 -10.19
C MET C 244 7.42 15.80 -11.41
N HIS C 245 7.48 16.48 -12.55
CA HIS C 245 7.90 15.81 -13.77
C HIS C 245 9.37 15.45 -13.67
N GLN C 246 10.16 16.34 -13.08
CA GLN C 246 11.59 16.12 -12.92
C GLN C 246 11.86 15.07 -11.85
N MET C 247 10.92 14.93 -10.90
CA MET C 247 11.08 13.96 -9.82
C MET C 247 10.68 12.54 -10.23
N GLY C 248 9.79 12.43 -11.23
CA GLY C 248 9.44 11.14 -11.78
C GLY C 248 7.97 10.71 -11.63
N ALA C 249 7.16 11.58 -11.02
CA ALA C 249 5.75 11.27 -10.75
C ALA C 249 4.79 11.85 -11.80
N VAL C 250 5.28 12.75 -12.64
CA VAL C 250 4.46 13.29 -13.72
C VAL C 250 5.12 13.00 -15.06
N ASN C 251 4.38 12.38 -15.98
CA ASN C 251 4.93 11.95 -17.26
C ASN C 251 5.29 13.09 -18.22
N ALA C 252 4.44 14.12 -18.23
CA ALA C 252 4.63 15.26 -19.12
C ALA C 252 3.83 16.47 -18.66
N VAL C 253 4.42 17.64 -18.85
CA VAL C 253 3.77 18.90 -18.53
C VAL C 253 3.15 19.44 -19.82
N ALA C 254 1.94 19.94 -19.74
CA ALA C 254 1.31 20.52 -20.92
C ALA C 254 0.70 21.87 -20.58
N GLU C 255 0.51 22.71 -21.60
CA GLU C 255 -0.18 23.97 -21.42
C GLU C 255 -1.62 23.73 -21.01
N HIS C 256 -2.09 24.48 -20.02
CA HIS C 256 -3.39 24.25 -19.42
C HIS C 256 -4.46 23.93 -20.46
N ALA C 257 -4.53 24.78 -21.47
CA ALA C 257 -5.59 24.71 -22.48
C ALA C 257 -5.53 23.45 -23.32
N GLU C 258 -4.34 22.88 -23.47
CA GLU C 258 -4.18 21.70 -24.31
C GLU C 258 -4.07 20.40 -23.51
N LEU C 259 -4.37 20.46 -22.21
CA LEU C 259 -4.12 19.32 -21.32
C LEU C 259 -4.89 18.07 -21.75
N GLU C 260 -6.18 18.24 -22.06
CA GLU C 260 -7.01 17.11 -22.46
C GLU C 260 -6.73 16.71 -23.89
N THR C 261 -6.29 17.66 -24.70
CA THR C 261 -5.93 17.40 -26.08
C THR C 261 -4.74 16.45 -26.12
N VAL C 262 -3.71 16.79 -25.33
CA VAL C 262 -2.55 15.93 -25.17
C VAL C 262 -2.96 14.59 -24.58
N GLY C 263 -3.88 14.63 -23.62
CA GLY C 263 -4.43 13.42 -23.03
C GLY C 263 -5.03 12.49 -24.06
N LEU C 264 -5.71 13.06 -25.05
CA LEU C 264 -6.37 12.26 -26.09
C LEU C 264 -5.35 11.70 -27.06
N GLN C 265 -4.30 12.48 -27.30
CA GLN C 265 -3.24 12.03 -28.19
C GLN C 265 -2.52 10.84 -27.55
N TRP C 266 -2.28 10.91 -26.24
CA TRP C 266 -1.65 9.81 -25.53
C TRP C 266 -2.55 8.58 -25.56
N ALA C 267 -3.84 8.77 -25.28
CA ALA C 267 -4.80 7.68 -25.29
C ALA C 267 -4.84 7.01 -26.67
N ALA C 268 -4.67 7.80 -27.73
CA ALA C 268 -4.74 7.27 -29.09
C ALA C 268 -3.54 6.40 -29.43
N GLU C 269 -2.36 6.76 -28.94
CA GLU C 269 -1.17 5.94 -29.16
C GLU C 269 -1.28 4.63 -28.38
N ILE C 270 -1.81 4.71 -27.17
CA ILE C 270 -2.06 3.51 -26.38
C ILE C 270 -3.09 2.61 -27.07
N ASN C 271 -4.23 3.20 -27.42
CA ASN C 271 -5.33 2.50 -28.07
C ASN C 271 -4.94 1.86 -29.40
N ALA C 272 -3.82 2.30 -29.96
CA ALA C 272 -3.39 1.85 -31.29
C ALA C 272 -2.64 0.53 -31.27
N LYS C 273 -2.12 0.17 -30.09
CA LYS C 273 -1.31 -1.03 -29.98
C LYS C 273 -2.17 -2.24 -29.65
N SER C 274 -1.58 -3.43 -29.76
CA SER C 274 -2.29 -4.65 -29.37
C SER C 274 -2.81 -4.52 -27.95
N PRO C 275 -4.14 -4.55 -27.78
CA PRO C 275 -4.79 -4.37 -26.48
C PRO C 275 -4.48 -5.51 -25.50
N GLN C 276 -4.27 -6.71 -26.03
CA GLN C 276 -3.90 -7.85 -25.19
C GLN C 276 -2.51 -7.63 -24.60
N ALA C 277 -1.60 -7.13 -25.43
CA ALA C 277 -0.26 -6.78 -24.98
C ALA C 277 -0.31 -5.71 -23.90
N GLN C 278 -1.16 -4.72 -24.10
CA GLN C 278 -1.24 -3.59 -23.16
C GLN C 278 -1.70 -4.05 -21.78
N ARG C 279 -2.61 -5.02 -21.75
CA ARG C 279 -3.13 -5.55 -20.48
C ARG C 279 -2.05 -6.35 -19.75
N MET C 280 -1.37 -7.23 -20.48
CA MET C 280 -0.29 -8.03 -19.91
C MET C 280 0.82 -7.12 -19.32
N LEU C 281 1.19 -6.10 -20.10
CA LEU C 281 2.20 -5.15 -19.65
C LEU C 281 1.78 -4.43 -18.39
N LYS C 282 0.55 -3.94 -18.33
CA LYS C 282 0.10 -3.26 -17.12
C LYS C 282 0.22 -4.17 -15.89
N PHE C 283 -0.28 -5.40 -16.00
CA PHE C 283 -0.20 -6.32 -14.86
C PHE C 283 1.24 -6.76 -14.55
N ALA C 284 2.07 -6.87 -15.58
CA ALA C 284 3.51 -7.09 -15.40
C ALA C 284 4.16 -5.98 -14.57
N PHE C 285 3.81 -4.73 -14.87
CA PHE C 285 4.33 -3.59 -14.09
C PHE C 285 3.79 -3.67 -12.66
N ASN C 286 2.51 -4.01 -12.52
CA ASN C 286 1.89 -4.15 -11.20
C ASN C 286 2.55 -5.28 -10.38
N LEU C 287 2.77 -6.42 -11.05
CA LEU C 287 3.29 -7.63 -10.44
C LEU C 287 4.55 -7.34 -9.61
N LEU C 288 5.37 -6.41 -10.10
CA LEU C 288 6.59 -6.03 -9.42
C LEU C 288 6.35 -5.69 -7.93
N ASP C 289 5.20 -5.10 -7.62
CA ASP C 289 4.98 -4.50 -6.31
C ASP C 289 3.77 -5.10 -5.58
N ASP C 290 2.85 -5.69 -6.34
CA ASP C 290 1.55 -6.11 -5.81
C ASP C 290 1.52 -7.57 -5.31
N GLY C 291 2.68 -8.17 -5.14
CA GLY C 291 2.80 -9.52 -4.63
C GLY C 291 1.82 -10.49 -5.26
N LEU C 292 1.23 -11.30 -4.39
CA LEU C 292 0.36 -12.39 -4.80
C LEU C 292 -0.88 -11.85 -5.55
N VAL C 293 -1.33 -10.67 -5.16
CA VAL C 293 -2.47 -10.08 -5.86
C VAL C 293 -2.05 -9.76 -7.29
N GLY C 294 -0.86 -9.17 -7.43
CA GLY C 294 -0.30 -8.91 -8.74
C GLY C 294 -0.13 -10.20 -9.53
N GLN C 295 0.31 -11.25 -8.85
CA GLN C 295 0.44 -12.55 -9.51
C GLN C 295 -0.91 -13.05 -10.01
N GLN C 296 -1.94 -12.92 -9.17
CA GLN C 296 -3.30 -13.31 -9.57
C GLN C 296 -3.74 -12.61 -10.84
N LEU C 297 -3.64 -11.29 -10.87
CA LEU C 297 -4.13 -10.53 -12.02
C LEU C 297 -3.38 -10.91 -13.29
N PHE C 298 -2.06 -11.04 -13.19
CA PHE C 298 -1.25 -11.34 -14.35
C PHE C 298 -1.51 -12.76 -14.84
N ALA C 299 -1.44 -13.73 -13.92
CA ALA C 299 -1.76 -15.13 -14.27
C ALA C 299 -3.14 -15.20 -14.88
N GLY C 300 -4.08 -14.48 -14.27
CA GLY C 300 -5.43 -14.39 -14.80
C GLY C 300 -5.46 -14.09 -16.29
N GLU C 301 -4.67 -13.12 -16.74
CA GLU C 301 -4.68 -12.76 -18.15
C GLU C 301 -3.96 -13.80 -18.99
N ALA C 302 -2.96 -14.45 -18.40
CA ALA C 302 -2.26 -15.54 -19.05
C ALA C 302 -3.21 -16.71 -19.29
N THR C 303 -4.08 -16.93 -18.30
CA THR C 303 -5.12 -17.94 -18.41
C THR C 303 -6.04 -17.58 -19.57
N ARG C 304 -6.40 -16.30 -19.68
CA ARG C 304 -7.20 -15.83 -20.79
C ARG C 304 -6.54 -16.17 -22.12
N LEU C 305 -5.23 -15.93 -22.22
CA LEU C 305 -4.47 -16.28 -23.42
C LEU C 305 -4.53 -17.78 -23.73
N ALA C 306 -4.50 -18.61 -22.69
CA ALA C 306 -4.51 -20.06 -22.86
C ALA C 306 -5.90 -20.63 -23.15
N TYR C 307 -6.87 -19.73 -23.37
CA TYR C 307 -8.24 -20.13 -23.66
C TYR C 307 -8.63 -19.81 -25.10
N MET C 308 -7.61 -19.59 -25.92
CA MET C 308 -7.81 -19.31 -27.34
C MET C 308 -7.18 -20.39 -28.20
N THR C 309 -6.47 -21.32 -27.56
CA THR C 309 -5.81 -22.41 -28.27
C THR C 309 -5.96 -23.73 -27.51
N ASP C 310 -5.34 -24.77 -28.06
CA ASP C 310 -5.38 -26.10 -27.46
C ASP C 310 -5.35 -27.19 -28.53
#